data_6B27
#
_entry.id   6B27
#
_cell.length_a   47.920
_cell.length_b   114.650
_cell.length_c   144.678
_cell.angle_alpha   90.000
_cell.angle_beta   90.000
_cell.angle_gamma   90.000
#
_symmetry.space_group_name_H-M   'P 21 21 21'
#
loop_
_entity.id
_entity.type
_entity.pdbx_description
1 polymer 'SH3 and cysteine-rich domain-containing protein 2'
2 polymer 'Voltage-dependent L-type calcium channel subunit alpha-1S'
3 non-polymer 'SULFATE ION'
4 non-polymer 'CHLORIDE ION'
5 water water
#
loop_
_entity_poly.entity_id
_entity_poly.type
_entity_poly.pdbx_seq_one_letter_code
_entity_poly.pdbx_strand_id
1 'polypeptide(L)'
;SNANSYVALYKFLPQENNDLALQPGDRIMLVDDSNEDWWKGKIGDRVGFFPANFVQRVRPGENVWRCCQPFSGNKEQGYM
SLKENQICVGVGRSKDADGFIRVSSGKKRGLVPVDALTEI
;
A,B,C,D,E,F
2 'polypeptide(L)' EDEPEIPLSPRPRP G,H,I,J,K,L
#
# COMPACT_ATOMS: atom_id res chain seq x y z
N ALA A 3 1.44 -22.23 -3.95
CA ALA A 3 1.42 -23.41 -3.03
C ALA A 3 2.36 -23.26 -1.87
N ASN A 4 2.54 -22.01 -1.46
CA ASN A 4 3.48 -21.74 -0.42
C ASN A 4 2.76 -21.24 0.87
N SER A 5 1.43 -21.35 1.03
CA SER A 5 0.73 -20.73 2.13
C SER A 5 0.43 -21.73 3.21
N TYR A 6 0.85 -21.41 4.45
CA TYR A 6 0.66 -22.26 5.61
C TYR A 6 0.10 -21.47 6.80
N VAL A 7 -0.41 -22.19 7.79
CA VAL A 7 -0.81 -21.60 9.07
C VAL A 7 -0.16 -22.37 10.19
N ALA A 8 0.33 -21.65 11.22
CA ALA A 8 0.90 -22.27 12.39
C ALA A 8 -0.19 -22.95 13.21
N LEU A 9 -0.01 -24.22 13.56
CA LEU A 9 -0.97 -24.94 14.41
C LEU A 9 -0.71 -24.81 15.88
N TYR A 10 0.59 -24.63 16.23
CA TYR A 10 1.08 -24.65 17.58
C TYR A 10 2.04 -23.51 17.84
N LYS A 11 2.16 -23.06 19.10
CA LYS A 11 3.18 -22.12 19.48
C LYS A 11 4.55 -22.69 19.37
N PHE A 12 5.51 -21.90 18.89
CA PHE A 12 6.94 -22.29 18.79
C PHE A 12 7.72 -21.09 19.30
N LEU A 13 8.39 -21.29 20.40
CA LEU A 13 9.22 -20.19 21.00
C LEU A 13 10.61 -20.27 20.46
N PRO A 14 11.11 -19.11 19.98
CA PRO A 14 12.43 -19.21 19.43
C PRO A 14 13.47 -19.64 20.47
N GLN A 15 14.20 -20.67 20.10
N GLN A 15 14.36 -20.53 20.11
CA GLN A 15 15.22 -21.31 20.98
CA GLN A 15 15.46 -20.88 21.05
C GLN A 15 16.65 -20.98 20.53
C GLN A 15 16.79 -20.60 20.53
N GLU A 16 16.91 -20.60 19.22
CA GLU A 16 18.17 -20.40 18.58
C GLU A 16 18.10 -19.32 17.54
N ASN A 17 19.25 -18.76 17.22
CA ASN A 17 19.38 -17.69 16.31
C ASN A 17 18.70 -18.12 14.98
N ASN A 18 18.05 -17.19 14.34
CA ASN A 18 17.33 -17.46 13.07
C ASN A 18 16.04 -18.29 13.21
N ASP A 19 15.61 -18.61 14.43
CA ASP A 19 14.31 -19.26 14.61
C ASP A 19 13.24 -18.22 14.30
N LEU A 20 12.10 -18.68 13.74
CA LEU A 20 10.93 -17.84 13.56
C LEU A 20 9.88 -18.22 14.59
N ALA A 21 9.57 -17.30 15.50
CA ALA A 21 8.55 -17.54 16.48
C ALA A 21 7.21 -17.80 15.79
N LEU A 22 6.50 -18.83 16.24
CA LEU A 22 5.13 -19.19 15.75
C LEU A 22 4.16 -19.00 16.85
N GLN A 23 3.07 -18.32 16.51
CA GLN A 23 1.85 -18.37 17.34
C GLN A 23 0.72 -19.04 16.54
N PRO A 24 -0.14 -19.78 17.24
CA PRO A 24 -1.25 -20.46 16.49
C PRO A 24 -2.04 -19.46 15.71
N GLY A 25 -2.32 -19.79 14.43
CA GLY A 25 -3.07 -18.93 13.56
C GLY A 25 -2.22 -18.03 12.71
N ASP A 26 -0.92 -17.89 13.00
CA ASP A 26 -0.06 -17.13 12.14
C ASP A 26 -0.03 -17.64 10.71
N ARG A 27 -0.05 -16.71 9.75
CA ARG A 27 -0.01 -17.03 8.34
CA ARG A 27 0.00 -17.06 8.35
C ARG A 27 1.43 -17.00 7.80
N ILE A 28 1.87 -18.12 7.25
CA ILE A 28 3.26 -18.31 6.86
C ILE A 28 3.39 -18.40 5.35
N MET A 29 4.31 -17.66 4.75
CA MET A 29 4.72 -17.89 3.38
C MET A 29 5.94 -18.76 3.41
N LEU A 30 5.90 -19.95 2.82
CA LEU A 30 7.01 -20.86 2.87
C LEU A 30 8.10 -20.37 1.90
N VAL A 31 9.35 -20.35 2.39
CA VAL A 31 10.51 -19.84 1.66
C VAL A 31 11.38 -21.02 1.23
N ASP A 32 11.59 -22.01 2.10
CA ASP A 32 12.48 -23.11 1.81
C ASP A 32 12.12 -24.34 2.60
N ASP A 33 11.77 -25.40 1.87
CA ASP A 33 11.45 -26.71 2.41
C ASP A 33 12.44 -27.80 2.00
N SER A 34 13.70 -27.43 1.73
CA SER A 34 14.81 -28.41 1.50
C SER A 34 14.99 -29.40 2.61
N ASN A 35 14.90 -28.95 3.86
CA ASN A 35 15.16 -29.77 5.00
C ASN A 35 13.79 -30.37 5.40
N GLU A 36 13.72 -31.66 5.68
CA GLU A 36 12.45 -32.36 6.01
C GLU A 36 11.89 -31.90 7.35
N ASP A 37 12.80 -31.53 8.26
CA ASP A 37 12.37 -31.23 9.62
C ASP A 37 12.18 -29.77 9.93
N TRP A 38 12.98 -28.90 9.32
CA TRP A 38 13.03 -27.48 9.61
C TRP A 38 12.80 -26.73 8.33
N TRP A 39 11.71 -25.94 8.25
CA TRP A 39 11.45 -25.08 7.13
C TRP A 39 11.75 -23.63 7.41
N LYS A 40 12.05 -22.91 6.36
CA LYS A 40 12.20 -21.48 6.43
C LYS A 40 10.96 -20.85 5.86
N GLY A 41 10.47 -19.82 6.53
CA GLY A 41 9.32 -19.09 6.06
C GLY A 41 9.20 -17.71 6.69
N LYS A 42 8.16 -16.98 6.26
CA LYS A 42 7.96 -15.60 6.64
C LYS A 42 6.61 -15.44 7.21
N ILE A 43 6.52 -14.79 8.35
CA ILE A 43 5.28 -14.33 8.96
C ILE A 43 5.41 -12.82 9.10
N GLY A 44 4.49 -12.05 8.52
CA GLY A 44 4.51 -10.60 8.68
C GLY A 44 5.79 -10.01 8.17
N ASP A 45 6.54 -9.38 9.08
CA ASP A 45 7.80 -8.73 8.83
C ASP A 45 9.02 -9.60 9.16
N ARG A 46 8.80 -10.86 9.53
CA ARG A 46 9.85 -11.75 10.04
C ARG A 46 10.10 -12.97 9.24
N VAL A 47 11.37 -13.44 9.24
CA VAL A 47 11.77 -14.61 8.49
CA VAL A 47 11.76 -14.64 8.50
C VAL A 47 12.59 -15.52 9.40
N GLY A 48 12.43 -16.81 9.25
CA GLY A 48 13.25 -17.72 9.97
C GLY A 48 12.87 -19.16 9.85
N PHE A 49 13.47 -20.00 10.72
CA PHE A 49 13.20 -21.41 10.71
C PHE A 49 12.22 -21.87 11.77
N PHE A 50 11.46 -22.90 11.45
CA PHE A 50 10.48 -23.48 12.35
C PHE A 50 10.23 -24.95 12.03
N PRO A 51 9.68 -25.71 12.98
CA PRO A 51 9.38 -27.13 12.74
C PRO A 51 8.32 -27.31 11.64
N ALA A 52 8.69 -28.05 10.62
CA ALA A 52 7.76 -28.31 9.53
C ALA A 52 6.47 -28.96 9.99
N ASN A 53 6.55 -29.79 11.03
CA ASN A 53 5.36 -30.47 11.57
C ASN A 53 4.45 -29.58 12.41
N PHE A 54 4.78 -28.28 12.54
CA PHE A 54 4.03 -27.36 13.39
C PHE A 54 3.03 -26.57 12.52
N VAL A 55 3.02 -26.82 11.21
CA VAL A 55 2.21 -26.01 10.31
C VAL A 55 1.29 -26.87 9.44
N GLN A 56 0.27 -26.24 8.87
CA GLN A 56 -0.76 -26.87 8.04
C GLN A 56 -0.88 -26.04 6.77
N ARG A 57 -0.91 -26.69 5.62
CA ARG A 57 -1.18 -26.03 4.38
CA ARG A 57 -1.18 -26.03 4.39
C ARG A 57 -2.56 -25.36 4.36
N VAL A 58 -2.63 -24.18 3.78
CA VAL A 58 -3.88 -23.49 3.56
C VAL A 58 -3.96 -23.31 2.02
N ARG A 59 -4.89 -24.05 1.38
CA ARG A 59 -5.02 -23.95 -0.07
C ARG A 59 -5.98 -22.86 -0.47
N PRO A 60 -5.89 -22.40 -1.75
CA PRO A 60 -6.75 -21.29 -2.16
C PRO A 60 -8.22 -21.64 -1.91
N GLY A 61 -9.00 -20.73 -1.41
CA GLY A 61 -10.39 -21.06 -1.16
C GLY A 61 -10.62 -21.58 0.25
N GLU A 62 -9.57 -21.99 0.97
CA GLU A 62 -9.80 -22.55 2.33
C GLU A 62 -9.74 -21.49 3.34
N ASN A 63 -10.55 -21.64 4.38
CA ASN A 63 -10.57 -20.76 5.51
C ASN A 63 -9.74 -21.41 6.66
N VAL A 64 -9.30 -20.56 7.59
CA VAL A 64 -8.62 -20.97 8.82
C VAL A 64 -9.55 -20.67 9.95
N TRP A 65 -9.62 -21.62 10.88
CA TRP A 65 -10.52 -21.55 11.98
C TRP A 65 -9.81 -21.86 13.29
N ARG A 66 -10.33 -21.31 14.37
CA ARG A 66 -9.99 -21.73 15.72
CA ARG A 66 -10.00 -21.70 15.71
C ARG A 66 -11.23 -22.30 16.41
N CYS A 67 -11.07 -23.40 17.12
CA CYS A 67 -12.16 -23.99 17.91
C CYS A 67 -12.54 -23.15 19.12
N CYS A 68 -13.82 -22.75 19.13
CA CYS A 68 -14.37 -21.99 20.22
C CYS A 68 -15.18 -22.88 21.19
N GLN A 69 -15.71 -24.00 20.75
CA GLN A 69 -16.48 -24.93 21.59
C GLN A 69 -16.06 -26.34 21.29
N PRO A 70 -15.53 -27.04 22.29
CA PRO A 70 -14.98 -28.38 21.97
C PRO A 70 -15.97 -29.36 21.44
N PHE A 71 -15.47 -30.28 20.64
CA PHE A 71 -16.34 -31.22 19.94
C PHE A 71 -15.64 -32.58 20.00
N SER A 72 -16.40 -33.59 20.43
CA SER A 72 -15.89 -34.98 20.49
C SER A 72 -16.20 -35.66 19.14
N GLY A 73 -15.16 -36.13 18.44
CA GLY A 73 -15.29 -36.74 17.18
C GLY A 73 -15.50 -38.26 17.37
N ASN A 74 -15.43 -38.95 16.28
CA ASN A 74 -15.63 -40.38 16.22
C ASN A 74 -14.93 -40.91 15.01
N LYS A 75 -14.00 -41.82 15.24
CA LYS A 75 -13.16 -42.35 14.15
C LYS A 75 -13.91 -43.08 13.06
N GLU A 76 -14.78 -43.98 13.46
CA GLU A 76 -15.63 -44.79 12.51
C GLU A 76 -16.52 -43.89 11.63
N GLN A 77 -17.03 -42.81 12.19
CA GLN A 77 -17.82 -41.82 11.42
C GLN A 77 -16.98 -40.89 10.55
N GLY A 78 -15.67 -40.79 10.80
CA GLY A 78 -14.82 -39.77 10.18
C GLY A 78 -15.08 -38.35 10.70
N TYR A 79 -15.50 -38.23 11.97
CA TYR A 79 -15.76 -36.94 12.60
C TYR A 79 -14.50 -36.62 13.42
N MET A 80 -13.88 -35.46 13.15
CA MET A 80 -12.64 -35.09 13.86
C MET A 80 -13.01 -34.38 15.14
N SER A 81 -12.31 -34.74 16.21
CA SER A 81 -12.37 -34.01 17.48
C SER A 81 -11.72 -32.65 17.37
N LEU A 82 -12.26 -31.71 18.11
CA LEU A 82 -11.72 -30.35 18.21
C LEU A 82 -11.62 -30.02 19.66
N LYS A 83 -10.45 -29.60 20.13
CA LYS A 83 -10.31 -29.01 21.45
C LYS A 83 -10.31 -27.55 21.40
N GLU A 84 -10.64 -26.93 22.51
CA GLU A 84 -10.69 -25.47 22.53
C GLU A 84 -9.32 -24.89 22.04
N ASN A 85 -9.38 -23.89 21.17
CA ASN A 85 -8.21 -23.18 20.58
C ASN A 85 -7.43 -23.96 19.52
N GLN A 86 -7.91 -25.15 19.18
CA GLN A 86 -7.30 -25.90 18.11
C GLN A 86 -7.49 -25.15 16.82
N ILE A 87 -6.45 -25.16 15.99
CA ILE A 87 -6.52 -24.53 14.67
C ILE A 87 -6.82 -25.61 13.63
N CYS A 88 -7.70 -25.27 12.71
CA CYS A 88 -7.98 -26.16 11.56
C CYS A 88 -8.26 -25.40 10.30
N VAL A 89 -8.29 -26.08 9.14
CA VAL A 89 -8.35 -25.40 7.84
C VAL A 89 -9.31 -26.19 6.97
N GLY A 90 -10.15 -25.47 6.27
CA GLY A 90 -11.09 -26.12 5.37
C GLY A 90 -11.96 -25.10 4.73
N VAL A 91 -12.75 -25.58 3.78
CA VAL A 91 -13.68 -24.72 3.04
C VAL A 91 -15.01 -24.55 3.79
N GLY A 92 -15.38 -23.33 4.11
CA GLY A 92 -16.58 -23.07 4.82
C GLY A 92 -17.75 -23.03 3.86
N ARG A 93 -18.97 -23.06 4.37
CA ARG A 93 -20.12 -22.84 3.47
C ARG A 93 -20.91 -21.68 3.91
N SER A 94 -21.89 -21.28 3.08
CA SER A 94 -22.82 -20.22 3.50
C SER A 94 -23.62 -20.54 4.80
N LYS A 95 -24.04 -19.48 5.49
CA LYS A 95 -24.92 -19.54 6.68
C LYS A 95 -26.14 -20.43 6.46
N ASP A 96 -26.68 -20.40 5.22
CA ASP A 96 -27.85 -21.20 4.74
C ASP A 96 -27.67 -22.76 4.62
N ALA A 97 -26.45 -23.24 4.32
CA ALA A 97 -26.18 -24.67 4.10
C ALA A 97 -26.00 -25.37 5.47
N ASP A 98 -26.54 -26.57 5.65
CA ASP A 98 -26.41 -27.29 6.91
C ASP A 98 -25.54 -28.51 6.62
N GLY A 99 -24.57 -28.77 7.51
CA GLY A 99 -23.82 -30.04 7.47
C GLY A 99 -22.41 -29.78 7.95
N PHE A 100 -21.74 -30.82 8.41
CA PHE A 100 -20.31 -30.73 8.72
C PHE A 100 -19.49 -30.36 7.49
N ILE A 101 -18.33 -29.74 7.74
CA ILE A 101 -17.36 -29.43 6.72
C ILE A 101 -16.15 -30.34 6.99
N ARG A 102 -15.36 -30.59 5.99
CA ARG A 102 -14.12 -31.34 6.10
C ARG A 102 -12.97 -30.38 6.41
N VAL A 103 -12.23 -30.63 7.49
CA VAL A 103 -11.09 -29.84 7.84
C VAL A 103 -9.85 -30.70 8.06
N SER A 104 -8.70 -30.03 8.01
CA SER A 104 -7.41 -30.65 8.35
C SER A 104 -6.80 -29.92 9.51
N SER A 105 -6.12 -30.68 10.38
CA SER A 105 -5.45 -30.07 11.56
C SER A 105 -4.15 -30.83 11.83
N GLY A 106 -3.15 -30.58 11.02
CA GLY A 106 -1.94 -31.35 11.13
C GLY A 106 -2.13 -32.75 10.63
N LYS A 107 -1.92 -33.69 11.49
CA LYS A 107 -1.92 -35.08 11.08
C LYS A 107 -3.35 -35.63 11.20
N LYS A 108 -4.28 -34.87 11.76
CA LYS A 108 -5.69 -35.29 11.88
C LYS A 108 -6.52 -34.55 10.84
N ARG A 109 -7.57 -35.19 10.41
CA ARG A 109 -8.44 -34.69 9.31
C ARG A 109 -9.83 -35.29 9.54
N GLY A 110 -10.90 -34.64 9.06
CA GLY A 110 -12.22 -35.21 9.18
C GLY A 110 -13.29 -34.13 9.15
N LEU A 111 -14.51 -34.59 9.38
CA LEU A 111 -15.70 -33.74 9.32
C LEU A 111 -15.92 -33.11 10.65
N VAL A 112 -16.33 -31.84 10.68
CA VAL A 112 -16.58 -31.14 11.96
C VAL A 112 -17.76 -30.20 11.87
N PRO A 113 -18.36 -29.87 13.03
CA PRO A 113 -19.47 -28.90 13.04
C PRO A 113 -18.92 -27.48 12.90
N VAL A 114 -19.52 -26.67 12.05
CA VAL A 114 -19.07 -25.29 11.87
C VAL A 114 -19.35 -24.48 13.10
N ASP A 115 -20.34 -24.83 13.91
CA ASP A 115 -20.61 -24.04 15.08
C ASP A 115 -19.51 -24.20 16.15
N ALA A 116 -18.66 -25.21 16.00
CA ALA A 116 -17.51 -25.37 16.89
C ALA A 116 -16.39 -24.38 16.62
N LEU A 117 -16.50 -23.64 15.55
CA LEU A 117 -15.37 -22.89 14.99
C LEU A 117 -15.66 -21.40 14.86
N THR A 118 -14.59 -20.63 14.98
CA THR A 118 -14.57 -19.20 14.66
C THR A 118 -13.50 -18.93 13.63
N GLU A 119 -13.89 -18.22 12.58
CA GLU A 119 -13.00 -17.93 11.48
C GLU A 119 -11.98 -16.92 11.94
N ILE A 120 -10.75 -17.17 11.54
CA ILE A 120 -9.59 -16.36 11.91
C ILE A 120 -8.75 -16.08 10.66
N ALA B 3 -9.83 16.48 -1.86
CA ALA B 3 -10.39 16.71 -0.45
C ALA B 3 -11.49 15.72 -0.01
N ASN B 4 -12.21 15.11 -0.97
CA ASN B 4 -13.34 14.16 -0.78
C ASN B 4 -13.07 12.86 -1.57
N SER B 5 -11.89 12.29 -1.31
CA SER B 5 -11.43 11.11 -2.06
C SER B 5 -11.61 9.83 -1.27
N TYR B 6 -12.11 8.78 -1.96
CA TYR B 6 -12.46 7.51 -1.30
C TYR B 6 -11.97 6.37 -2.18
N VAL B 7 -11.88 5.19 -1.58
CA VAL B 7 -11.57 3.97 -2.33
C VAL B 7 -12.62 2.91 -2.07
N ALA B 8 -12.99 2.22 -3.12
CA ALA B 8 -13.92 1.07 -2.94
C ALA B 8 -13.24 -0.17 -2.27
N LEU B 9 -13.86 -0.67 -1.26
CA LEU B 9 -13.36 -1.81 -0.49
C LEU B 9 -13.88 -3.11 -1.05
N TYR B 10 -15.10 -3.03 -1.63
CA TYR B 10 -15.84 -4.24 -2.02
C TYR B 10 -16.51 -4.02 -3.36
N LYS B 11 -16.74 -5.12 -4.06
CA LYS B 11 -17.45 -5.10 -5.34
C LYS B 11 -18.88 -4.73 -5.10
N PHE B 12 -19.40 -3.92 -6.04
CA PHE B 12 -20.82 -3.57 -6.17
C PHE B 12 -21.26 -3.65 -7.58
N LEU B 13 -22.12 -4.65 -7.85
CA LEU B 13 -22.71 -4.78 -9.14
C LEU B 13 -23.94 -3.86 -9.26
N PRO B 14 -23.94 -3.01 -10.27
CA PRO B 14 -25.00 -1.96 -10.32
C PRO B 14 -26.37 -2.55 -10.55
N GLN B 15 -27.38 -1.94 -9.93
CA GLN B 15 -28.76 -2.31 -10.10
C GLN B 15 -29.46 -1.45 -11.09
N GLU B 16 -29.30 -0.13 -10.96
CA GLU B 16 -30.07 0.87 -11.69
C GLU B 16 -29.21 1.70 -12.64
N ASN B 17 -29.85 2.48 -13.51
CA ASN B 17 -29.12 3.31 -14.46
C ASN B 17 -28.33 4.36 -13.72
N ASN B 18 -28.76 4.71 -12.50
CA ASN B 18 -28.03 5.75 -11.79
C ASN B 18 -27.06 5.24 -10.79
N ASP B 19 -26.75 3.93 -10.85
CA ASP B 19 -25.78 3.37 -9.93
C ASP B 19 -24.40 3.46 -10.51
N LEU B 20 -23.41 3.38 -9.60
CA LEU B 20 -21.99 3.46 -9.98
C LEU B 20 -21.38 2.10 -9.59
N ALA B 21 -21.18 1.27 -10.60
CA ALA B 21 -20.50 -0.02 -10.36
C ALA B 21 -19.18 0.18 -9.61
N LEU B 22 -18.88 -0.66 -8.65
CA LEU B 22 -17.60 -0.62 -7.91
C LEU B 22 -16.83 -1.91 -8.13
N GLN B 23 -15.54 -1.76 -8.34
CA GLN B 23 -14.55 -2.88 -8.18
C GLN B 23 -13.63 -2.48 -7.01
N PRO B 24 -13.19 -3.43 -6.18
CA PRO B 24 -12.23 -3.12 -5.11
C PRO B 24 -11.05 -2.41 -5.64
N GLY B 25 -10.70 -1.31 -4.99
CA GLY B 25 -9.57 -0.52 -5.43
C GLY B 25 -9.95 0.73 -6.25
N ASP B 26 -11.20 0.77 -6.76
CA ASP B 26 -11.60 1.95 -7.55
C ASP B 26 -11.49 3.26 -6.73
N ARG B 27 -11.07 4.33 -7.38
CA ARG B 27 -10.86 5.65 -6.75
C ARG B 27 -12.03 6.56 -7.08
N ILE B 28 -12.69 6.96 -6.01
CA ILE B 28 -13.93 7.74 -6.05
C ILE B 28 -13.78 9.13 -5.55
N MET B 29 -14.34 10.08 -6.30
CA MET B 29 -14.54 11.45 -5.82
CA MET B 29 -14.53 11.45 -5.83
C MET B 29 -15.95 11.56 -5.35
N LEU B 30 -16.13 11.84 -4.07
CA LEU B 30 -17.43 11.91 -3.49
C LEU B 30 -18.20 13.17 -4.00
N VAL B 31 -19.47 12.95 -4.33
CA VAL B 31 -20.35 14.01 -4.89
C VAL B 31 -21.41 14.33 -3.87
N ASP B 32 -21.97 13.35 -3.19
CA ASP B 32 -23.13 13.60 -2.29
C ASP B 32 -23.21 12.49 -1.24
N ASP B 33 -23.01 12.83 0.02
CA ASP B 33 -23.13 11.93 1.17
C ASP B 33 -24.33 12.23 2.07
N SER B 34 -25.34 12.86 1.53
CA SER B 34 -26.51 13.28 2.30
C SER B 34 -27.37 12.09 2.77
N ASN B 35 -27.38 10.96 2.02
CA ASN B 35 -28.14 9.78 2.41
C ASN B 35 -27.26 8.80 3.19
N GLU B 36 -27.75 8.09 4.21
CA GLU B 36 -26.87 7.21 4.98
C GLU B 36 -26.57 5.88 4.28
N ASP B 37 -27.37 5.51 3.30
CA ASP B 37 -27.24 4.21 2.69
C ASP B 37 -26.49 4.37 1.35
N TRP B 38 -26.84 5.36 0.54
CA TRP B 38 -26.42 5.50 -0.83
C TRP B 38 -25.70 6.81 -0.97
N TRP B 39 -24.43 6.75 -1.34
CA TRP B 39 -23.69 7.94 -1.68
C TRP B 39 -23.49 8.07 -3.15
N LYS B 40 -23.33 9.30 -3.64
CA LYS B 40 -23.10 9.52 -5.05
C LYS B 40 -21.64 9.94 -5.19
N GLY B 41 -20.99 9.40 -6.21
CA GLY B 41 -19.60 9.78 -6.54
C GLY B 41 -19.22 9.43 -7.93
N LYS B 42 -17.97 9.70 -8.25
CA LYS B 42 -17.43 9.61 -9.55
C LYS B 42 -16.19 8.77 -9.55
N ILE B 43 -16.18 7.85 -10.53
CA ILE B 43 -15.02 7.02 -10.88
C ILE B 43 -14.74 7.33 -12.34
N GLY B 44 -13.52 7.72 -12.71
CA GLY B 44 -13.21 7.98 -14.11
C GLY B 44 -14.11 9.06 -14.73
N ASP B 45 -14.86 8.63 -15.75
CA ASP B 45 -15.85 9.47 -16.42
C ASP B 45 -17.30 9.25 -15.96
N ARG B 46 -17.53 8.37 -14.98
CA ARG B 46 -18.87 7.90 -14.56
C ARG B 46 -19.25 8.45 -13.27
N VAL B 47 -20.55 8.70 -13.11
CA VAL B 47 -21.11 9.15 -11.84
C VAL B 47 -22.31 8.34 -11.45
N GLY B 48 -22.46 8.09 -10.17
CA GLY B 48 -23.61 7.37 -9.66
C GLY B 48 -23.62 7.00 -8.24
N PHE B 49 -24.65 6.25 -7.84
CA PHE B 49 -24.90 5.86 -6.50
C PHE B 49 -24.22 4.56 -6.12
N PHE B 50 -23.75 4.47 -4.91
CA PHE B 50 -23.08 3.20 -4.43
C PHE B 50 -23.31 3.07 -2.93
N PRO B 51 -23.10 1.87 -2.34
CA PRO B 51 -23.30 1.80 -0.92
C PRO B 51 -22.29 2.56 -0.13
N ALA B 52 -22.78 3.41 0.75
CA ALA B 52 -21.92 4.23 1.56
C ALA B 52 -20.84 3.50 2.33
N ASN B 53 -21.21 2.35 2.91
CA ASN B 53 -20.24 1.66 3.74
C ASN B 53 -19.40 0.69 2.95
N PHE B 54 -19.43 0.78 1.63
CA PHE B 54 -18.51 0.02 0.77
C PHE B 54 -17.21 0.75 0.50
N VAL B 55 -17.03 1.94 1.08
CA VAL B 55 -15.84 2.75 0.73
C VAL B 55 -15.05 3.22 1.95
N GLN B 56 -13.78 3.55 1.76
CA GLN B 56 -12.90 4.06 2.81
C GLN B 56 -12.33 5.41 2.33
N ARG B 57 -12.31 6.39 3.23
CA ARG B 57 -11.70 7.67 2.93
C ARG B 57 -10.19 7.52 2.67
N VAL B 58 -9.65 8.28 1.70
CA VAL B 58 -8.27 8.37 1.39
C VAL B 58 -7.89 9.82 1.57
N ARG B 59 -7.19 10.14 2.65
CA ARG B 59 -6.72 11.54 2.86
C ARG B 59 -5.40 11.84 2.23
N PRO B 60 -5.08 13.15 2.05
CA PRO B 60 -3.79 13.55 1.52
C PRO B 60 -2.61 12.88 2.16
N GLY B 61 -1.70 12.40 1.31
CA GLY B 61 -0.53 11.66 1.81
C GLY B 61 -0.78 10.17 2.04
N GLU B 62 -2.04 9.67 1.99
CA GLU B 62 -2.28 8.22 2.16
C GLU B 62 -2.21 7.48 0.81
N ASN B 63 -1.76 6.24 0.84
CA ASN B 63 -1.73 5.38 -0.28
C ASN B 63 -2.79 4.30 -0.11
N VAL B 64 -3.10 3.63 -1.22
CA VAL B 64 -4.07 2.58 -1.27
C VAL B 64 -3.27 1.34 -1.56
N TRP B 65 -3.62 0.29 -0.84
CA TRP B 65 -2.92 -0.99 -0.89
C TRP B 65 -3.90 -2.14 -1.07
N ARG B 66 -3.40 -3.24 -1.61
CA ARG B 66 -4.09 -4.50 -1.63
C ARG B 66 -3.17 -5.54 -0.99
N CYS B 67 -3.74 -6.31 -0.09
CA CYS B 67 -2.98 -7.39 0.56
C CYS B 67 -2.58 -8.49 -0.39
N CYS B 68 -1.26 -8.76 -0.45
CA CYS B 68 -0.75 -9.86 -1.22
C CYS B 68 -0.34 -11.06 -0.40
N GLN B 69 -0.12 -10.92 0.90
CA GLN B 69 0.19 -12.06 1.79
C GLN B 69 -0.65 -11.93 3.03
N PRO B 70 -1.54 -12.91 3.24
CA PRO B 70 -2.39 -12.71 4.40
C PRO B 70 -1.63 -12.62 5.72
N PHE B 71 -2.24 -11.93 6.66
CA PHE B 71 -1.62 -11.60 7.97
C PHE B 71 -2.65 -11.78 9.10
N SER B 72 -2.24 -12.53 10.14
CA SER B 72 -3.04 -12.72 11.34
CA SER B 72 -3.01 -12.72 11.33
C SER B 72 -2.61 -11.68 12.36
N GLY B 73 -3.56 -10.83 12.70
CA GLY B 73 -3.29 -9.74 13.59
C GLY B 73 -3.57 -10.14 15.05
N ASN B 74 -3.65 -9.13 15.88
CA ASN B 74 -3.77 -9.28 17.33
C ASN B 74 -4.33 -7.96 17.79
N LYS B 75 -5.60 -8.02 18.18
CA LYS B 75 -6.43 -6.86 18.38
C LYS B 75 -5.93 -6.13 19.61
N GLU B 76 -5.52 -6.89 20.62
CA GLU B 76 -5.10 -6.31 21.91
C GLU B 76 -3.80 -5.54 21.73
N GLN B 77 -2.93 -6.02 20.84
CA GLN B 77 -1.68 -5.30 20.55
C GLN B 77 -1.78 -4.30 19.39
N GLY B 78 -2.97 -4.11 18.86
CA GLY B 78 -3.24 -3.07 17.79
C GLY B 78 -2.81 -3.49 16.39
N TYR B 79 -2.72 -4.78 16.13
CA TYR B 79 -2.38 -5.30 14.77
C TYR B 79 -3.60 -5.78 14.10
N MET B 80 -3.84 -5.41 12.85
CA MET B 80 -5.09 -5.77 12.16
C MET B 80 -4.86 -6.91 11.22
N SER B 81 -5.77 -7.89 11.18
CA SER B 81 -5.62 -8.99 10.22
C SER B 81 -5.93 -8.54 8.82
N LEU B 82 -5.26 -9.15 7.84
CA LEU B 82 -5.60 -8.93 6.44
C LEU B 82 -5.81 -10.23 5.74
N LYS B 83 -6.88 -10.28 4.90
CA LYS B 83 -7.06 -11.36 3.97
C LYS B 83 -6.39 -11.03 2.65
N GLU B 84 -6.12 -12.04 1.84
CA GLU B 84 -5.64 -11.82 0.51
C GLU B 84 -6.64 -11.02 -0.30
N ASN B 85 -6.08 -10.06 -1.03
CA ASN B 85 -6.77 -9.07 -1.82
C ASN B 85 -7.58 -8.03 -1.06
N GLN B 86 -7.55 -8.02 0.26
CA GLN B 86 -8.17 -6.97 1.03
C GLN B 86 -7.56 -5.61 0.69
N ILE B 87 -8.41 -4.58 0.56
CA ILE B 87 -8.02 -3.23 0.33
C ILE B 87 -7.83 -2.49 1.64
N CYS B 88 -6.76 -1.70 1.75
CA CYS B 88 -6.57 -0.87 2.91
C CYS B 88 -5.86 0.41 2.54
N VAL B 89 -5.93 1.35 3.43
CA VAL B 89 -5.46 2.76 3.22
C VAL B 89 -4.54 3.19 4.37
N GLY B 90 -3.41 3.75 4.00
CA GLY B 90 -2.46 4.31 5.02
C GLY B 90 -1.24 4.91 4.39
N VAL B 91 -0.46 5.60 5.22
CA VAL B 91 0.72 6.30 4.77
C VAL B 91 1.86 5.30 4.67
N GLY B 92 2.47 5.29 3.51
CA GLY B 92 3.57 4.37 3.18
C GLY B 92 4.87 4.93 3.70
N ARG B 93 5.93 4.13 3.58
CA ARG B 93 7.24 4.48 4.12
C ARG B 93 8.29 4.70 3.02
N ASP B 98 10.43 -1.50 5.21
CA ASP B 98 9.96 -2.62 6.07
C ASP B 98 9.18 -2.27 7.34
N GLY B 99 8.88 -3.24 8.20
CA GLY B 99 8.08 -2.97 9.37
C GLY B 99 6.60 -2.84 9.10
N PHE B 100 5.94 -2.01 9.91
CA PHE B 100 4.49 -1.91 9.96
C PHE B 100 4.02 -0.50 9.65
N ILE B 101 2.87 -0.42 9.01
CA ILE B 101 2.16 0.86 8.88
C ILE B 101 0.76 0.73 9.43
N ARG B 102 0.18 1.85 9.90
CA ARG B 102 -1.17 1.89 10.33
C ARG B 102 -2.09 2.02 9.10
N VAL B 103 -3.09 1.18 9.00
CA VAL B 103 -4.03 1.29 7.88
C VAL B 103 -5.45 1.17 8.38
N SER B 104 -6.37 1.67 7.55
CA SER B 104 -7.80 1.56 7.78
CA SER B 104 -7.80 1.50 7.81
C SER B 104 -8.39 0.68 6.68
N SER B 105 -9.39 -0.15 7.00
CA SER B 105 -10.07 -0.95 5.99
C SER B 105 -11.58 -1.00 6.25
N GLY B 106 -12.24 0.12 6.18
CA GLY B 106 -13.67 0.15 6.54
C GLY B 106 -13.79 0.20 8.05
N LYS B 107 -14.51 -0.75 8.63
CA LYS B 107 -14.77 -0.72 10.06
C LYS B 107 -13.47 -0.87 10.88
N LYS B 108 -12.54 -1.68 10.39
CA LYS B 108 -11.33 -2.05 11.16
C LYS B 108 -10.12 -1.26 10.75
N ARG B 109 -9.26 -1.00 11.71
CA ARG B 109 -8.00 -0.35 11.49
C ARG B 109 -6.92 -0.96 12.41
N GLY B 110 -5.67 -0.82 12.03
CA GLY B 110 -4.56 -1.25 12.89
C GLY B 110 -3.28 -1.34 12.11
N LEU B 111 -2.21 -1.78 12.76
CA LEU B 111 -0.94 -1.95 12.16
C LEU B 111 -0.87 -3.27 11.30
N VAL B 112 -0.27 -3.15 10.15
CA VAL B 112 -0.07 -4.31 9.24
C VAL B 112 1.32 -4.27 8.68
N PRO B 113 1.87 -5.42 8.27
CA PRO B 113 3.20 -5.43 7.68
C PRO B 113 3.23 -4.82 6.32
N VAL B 114 4.23 -3.97 6.09
CA VAL B 114 4.43 -3.41 4.77
C VAL B 114 4.62 -4.49 3.75
N ASP B 115 5.30 -5.58 4.16
CA ASP B 115 5.60 -6.62 3.23
C ASP B 115 4.35 -7.41 2.84
N ALA B 116 3.24 -7.21 3.52
CA ALA B 116 1.97 -7.91 3.21
C ALA B 116 1.15 -7.14 2.15
N LEU B 117 1.63 -5.99 1.69
CA LEU B 117 0.88 -5.12 0.83
C LEU B 117 1.55 -4.85 -0.48
N THR B 118 0.71 -4.65 -1.51
CA THR B 118 1.14 -4.07 -2.78
C THR B 118 0.40 -2.80 -3.02
N GLU B 119 1.13 -1.74 -3.38
CA GLU B 119 0.48 -0.47 -3.67
C GLU B 119 -0.31 -0.58 -4.93
N ILE B 120 -1.57 -0.12 -4.91
CA ILE B 120 -2.41 -0.05 -6.11
C ILE B 120 -2.85 1.43 -6.39
N ALA C 3 30.48 30.65 8.36
CA ALA C 3 31.22 31.54 7.34
C ALA C 3 30.12 32.34 6.62
N ASN C 4 29.80 31.94 5.40
CA ASN C 4 28.68 32.44 4.60
C ASN C 4 27.83 31.24 4.17
N SER C 5 27.44 30.46 5.18
CA SER C 5 26.66 29.25 4.95
C SER C 5 25.17 29.51 5.25
N TYR C 6 24.32 28.96 4.39
CA TYR C 6 22.88 29.17 4.41
C TYR C 6 22.19 27.83 4.16
N VAL C 7 20.89 27.80 4.47
CA VAL C 7 20.03 26.68 4.13
C VAL C 7 18.83 27.23 3.38
N ALA C 8 18.40 26.49 2.38
CA ALA C 8 17.15 26.88 1.66
C ALA C 8 15.94 26.50 2.51
N LEU C 9 15.02 27.44 2.61
CA LEU C 9 13.76 27.19 3.37
C LEU C 9 12.64 26.75 2.45
N TYR C 10 12.67 27.22 1.22
CA TYR C 10 11.57 27.06 0.28
C TYR C 10 12.09 26.57 -1.06
N LYS C 11 11.24 25.89 -1.81
CA LYS C 11 11.54 25.50 -3.19
C LYS C 11 11.63 26.71 -4.12
N PHE C 12 12.62 26.68 -5.02
CA PHE C 12 12.74 27.65 -6.08
C PHE C 12 13.05 26.86 -7.35
N LEU C 13 12.11 26.94 -8.29
CA LEU C 13 12.31 26.31 -9.59
C LEU C 13 13.01 27.27 -10.52
N PRO C 14 14.10 26.87 -11.15
CA PRO C 14 14.97 27.84 -11.81
C PRO C 14 14.28 28.37 -13.07
N GLN C 15 14.64 29.60 -13.43
CA GLN C 15 14.12 30.30 -14.62
C GLN C 15 15.15 30.39 -15.76
N GLU C 16 16.39 30.72 -15.41
CA GLU C 16 17.42 30.95 -16.38
C GLU C 16 18.62 30.03 -16.15
N ASN C 17 19.54 30.05 -17.11
CA ASN C 17 20.69 29.20 -17.10
C ASN C 17 21.60 29.56 -15.94
N ASN C 18 21.55 30.80 -15.48
CA ASN C 18 22.44 31.19 -14.33
CA ASN C 18 22.43 31.24 -14.35
C ASN C 18 21.72 31.15 -13.01
N ASP C 19 20.57 30.45 -12.95
CA ASP C 19 19.87 30.31 -11.71
C ASP C 19 20.30 29.04 -10.98
N LEU C 20 20.11 29.05 -9.65
CA LEU C 20 20.38 27.87 -8.76
C LEU C 20 19.07 27.40 -8.23
N ALA C 21 18.59 26.29 -8.82
CA ALA C 21 17.38 25.60 -8.29
C ALA C 21 17.56 25.35 -6.77
N LEU C 22 16.55 25.65 -5.95
CA LEU C 22 16.56 25.32 -4.53
C LEU C 22 15.50 24.27 -4.16
N GLN C 23 15.87 23.37 -3.28
CA GLN C 23 14.88 22.52 -2.59
C GLN C 23 15.08 22.79 -1.12
N PRO C 24 14.00 22.75 -0.34
CA PRO C 24 14.16 22.96 1.11
C PRO C 24 15.19 22.02 1.74
N GLY C 25 16.08 22.57 2.54
CA GLY C 25 17.15 21.79 3.16
C GLY C 25 18.47 21.93 2.45
N ASP C 26 18.47 22.46 1.22
CA ASP C 26 19.75 22.54 0.50
C ASP C 26 20.75 23.42 1.28
N ARG C 27 22.01 23.02 1.29
CA ARG C 27 23.08 23.74 1.97
C ARG C 27 23.88 24.57 0.96
N ILE C 28 23.93 25.86 1.24
CA ILE C 28 24.41 26.86 0.29
C ILE C 28 25.62 27.59 0.81
N MET C 29 26.60 27.74 -0.01
CA MET C 29 27.73 28.64 0.28
CA MET C 29 27.76 28.62 0.27
C MET C 29 27.50 29.91 -0.52
N LEU C 30 27.41 31.04 0.15
CA LEU C 30 27.06 32.28 -0.51
C LEU C 30 28.27 32.83 -1.22
N VAL C 31 28.07 33.31 -2.44
CA VAL C 31 29.11 33.98 -3.26
C VAL C 31 28.95 35.47 -3.39
N ASP C 32 27.73 35.96 -3.49
CA ASP C 32 27.48 37.39 -3.64
CA ASP C 32 27.45 37.38 -3.66
C ASP C 32 26.07 37.72 -3.15
N ASP C 33 26.00 38.72 -2.25
CA ASP C 33 24.78 39.23 -1.71
C ASP C 33 24.53 40.72 -2.00
N SER C 34 25.12 41.16 -3.06
CA SER C 34 25.11 42.58 -3.43
C SER C 34 23.77 43.05 -3.89
N ASN C 35 22.97 42.15 -4.48
CA ASN C 35 21.61 42.52 -4.91
C ASN C 35 20.59 42.14 -3.87
N GLU C 36 19.59 42.95 -3.61
CA GLU C 36 18.69 42.61 -2.46
C GLU C 36 17.62 41.55 -2.80
N ASP C 37 17.42 41.28 -4.05
CA ASP C 37 16.47 40.33 -4.52
C ASP C 37 17.11 38.95 -4.82
N TRP C 38 18.23 38.95 -5.54
CA TRP C 38 18.87 37.74 -6.07
C TRP C 38 20.26 37.63 -5.49
N TRP C 39 20.49 36.54 -4.75
CA TRP C 39 21.83 36.19 -4.29
C TRP C 39 22.45 35.05 -5.11
N LYS C 40 23.78 35.05 -5.18
CA LYS C 40 24.51 34.02 -5.89
C LYS C 40 25.15 33.13 -4.88
N GLY C 41 25.04 31.81 -5.07
CA GLY C 41 25.66 30.82 -4.17
C GLY C 41 25.82 29.47 -4.79
N LYS C 42 26.39 28.57 -4.01
CA LYS C 42 26.76 27.24 -4.49
C LYS C 42 26.09 26.17 -3.64
N ILE C 43 25.52 25.16 -4.31
CA ILE C 43 25.05 23.92 -3.75
C ILE C 43 25.75 22.81 -4.48
N GLY C 44 26.41 21.91 -3.76
CA GLY C 44 27.00 20.78 -4.39
C GLY C 44 28.02 21.25 -5.38
N ASP C 45 27.83 20.80 -6.62
CA ASP C 45 28.60 21.21 -7.78
C ASP C 45 28.10 22.41 -8.57
N ARG C 46 27.00 23.05 -8.16
CA ARG C 46 26.34 24.09 -8.98
C ARG C 46 26.43 25.43 -8.38
N VAL C 47 26.45 26.45 -9.21
CA VAL C 47 26.42 27.80 -8.73
CA VAL C 47 26.43 27.82 -8.75
C VAL C 47 25.37 28.60 -9.52
N GLY C 48 24.74 29.57 -8.84
CA GLY C 48 23.78 30.44 -9.49
C GLY C 48 23.01 31.31 -8.60
N PHE C 49 22.04 32.02 -9.22
CA PHE C 49 21.18 32.94 -8.52
C PHE C 49 19.94 32.33 -7.92
N PHE C 50 19.50 32.84 -6.79
CA PHE C 50 18.25 32.37 -6.19
C PHE C 50 17.69 33.51 -5.35
N PRO C 51 16.44 33.41 -4.91
CA PRO C 51 15.83 34.51 -4.13
C PRO C 51 16.46 34.65 -2.74
N ALA C 52 17.02 35.81 -2.44
CA ALA C 52 17.66 36.11 -1.14
C ALA C 52 16.79 35.70 0.02
N ASN C 53 15.48 35.96 -0.04
CA ASN C 53 14.66 35.67 1.12
C ASN C 53 14.14 34.27 1.20
N PHE C 54 14.69 33.37 0.34
CA PHE C 54 14.30 31.95 0.44
C PHE C 54 15.23 31.19 1.32
N VAL C 55 16.21 31.86 1.96
CA VAL C 55 17.24 31.14 2.71
C VAL C 55 17.46 31.68 4.13
N GLN C 56 18.09 30.87 4.97
CA GLN C 56 18.37 31.15 6.36
CA GLN C 56 18.36 31.18 6.36
C GLN C 56 19.84 30.96 6.65
N ARG C 57 20.44 31.90 7.35
CA ARG C 57 21.84 31.75 7.75
C ARG C 57 22.04 30.57 8.64
N VAL C 58 23.15 29.87 8.47
CA VAL C 58 23.62 28.79 9.35
C VAL C 58 25.01 29.16 9.84
N ARG C 59 25.12 29.62 11.09
CA ARG C 59 26.41 30.01 11.65
C ARG C 59 27.14 28.80 12.28
N PRO C 60 28.42 28.95 12.59
CA PRO C 60 29.19 27.84 13.21
C PRO C 60 28.55 27.30 14.45
N GLY C 61 28.45 25.99 14.52
CA GLY C 61 27.92 25.35 15.69
C GLY C 61 26.47 25.10 15.62
N GLU C 62 25.83 25.77 14.68
CA GLU C 62 24.39 25.47 14.44
C GLU C 62 24.17 24.30 13.52
N ASN C 63 23.09 23.60 13.82
CA ASN C 63 22.60 22.48 13.03
C ASN C 63 21.34 22.93 12.29
N VAL C 64 21.00 22.16 11.24
CA VAL C 64 19.86 22.34 10.41
C VAL C 64 18.97 21.16 10.78
N TRP C 65 17.69 21.46 10.96
CA TRP C 65 16.70 20.55 11.47
C TRP C 65 15.47 20.62 10.57
N ARG C 66 14.76 19.51 10.51
CA ARG C 66 13.49 19.46 9.85
C ARG C 66 12.53 19.02 10.93
N CYS C 67 11.34 19.64 10.97
CA CYS C 67 10.40 19.30 12.01
C CYS C 67 9.71 17.94 11.67
N CYS C 68 9.76 17.04 12.62
CA CYS C 68 9.25 15.69 12.43
C CYS C 68 7.91 15.57 13.11
N GLN C 69 7.78 16.24 14.28
CA GLN C 69 6.57 16.30 15.09
C GLN C 69 6.01 17.69 15.51
N PRO C 70 4.79 17.98 15.07
CA PRO C 70 4.27 19.35 15.19
C PRO C 70 4.15 19.86 16.61
N PHE C 71 4.26 21.20 16.80
CA PHE C 71 4.34 21.79 18.08
C PHE C 71 3.61 23.11 18.04
N SER C 72 2.70 23.31 18.98
CA SER C 72 1.96 24.59 19.18
C SER C 72 2.69 25.50 20.15
N GLY C 73 3.20 26.61 19.63
CA GLY C 73 3.91 27.52 20.48
C GLY C 73 2.98 28.66 20.91
N ASN C 74 3.61 29.69 21.37
CA ASN C 74 2.97 30.80 22.03
C ASN C 74 3.95 31.99 21.83
N LYS C 75 3.62 32.81 20.80
CA LYS C 75 4.40 33.97 20.34
C LYS C 75 4.76 34.91 21.50
N GLU C 76 3.80 35.12 22.41
CA GLU C 76 3.97 36.08 23.51
C GLU C 76 5.00 35.56 24.53
N GLN C 77 5.09 34.25 24.69
CA GLN C 77 6.08 33.69 25.60
C GLN C 77 7.38 33.27 24.93
N GLY C 78 7.48 33.47 23.61
CA GLY C 78 8.71 33.14 22.90
C GLY C 78 8.92 31.67 22.52
N TYR C 79 7.83 30.90 22.40
CA TYR C 79 7.90 29.52 21.89
C TYR C 79 7.33 29.57 20.51
N MET C 80 8.08 29.06 19.53
CA MET C 80 7.72 29.11 18.15
C MET C 80 6.95 27.82 17.73
N SER C 81 5.84 27.96 17.05
CA SER C 81 5.15 26.80 16.50
C SER C 81 5.99 26.19 15.39
N LEU C 82 5.89 24.86 15.25
CA LEU C 82 6.44 24.13 14.15
C LEU C 82 5.42 23.24 13.48
N LYS C 83 5.46 23.26 12.17
CA LYS C 83 4.70 22.37 11.30
CA LYS C 83 4.70 22.32 11.34
C LYS C 83 5.62 21.26 10.79
N GLU C 84 5.06 20.09 10.48
CA GLU C 84 5.83 19.00 9.82
C GLU C 84 6.63 19.41 8.64
N ASN C 85 7.90 18.98 8.60
CA ASN C 85 8.86 19.31 7.53
C ASN C 85 9.36 20.75 7.45
N GLN C 86 8.92 21.60 8.38
CA GLN C 86 9.45 22.92 8.43
C GLN C 86 10.99 22.83 8.75
N ILE C 87 11.77 23.64 8.05
CA ILE C 87 13.21 23.68 8.22
C ILE C 87 13.51 24.76 9.33
N CYS C 88 14.37 24.42 10.26
CA CYS C 88 14.81 25.28 11.37
CA CYS C 88 14.84 25.41 11.23
C CYS C 88 16.29 25.17 11.57
N VAL C 89 16.87 26.17 12.18
CA VAL C 89 18.29 26.25 12.42
C VAL C 89 18.59 26.64 13.85
N GLY C 90 19.50 25.93 14.51
CA GLY C 90 19.88 26.31 15.89
C GLY C 90 20.85 25.29 16.49
N VAL C 91 21.40 25.65 17.65
CA VAL C 91 22.34 24.77 18.37
C VAL C 91 21.64 23.66 19.16
N GLY C 92 22.05 22.44 18.86
CA GLY C 92 21.49 21.23 19.47
C GLY C 92 21.97 21.06 20.88
N ARG C 93 21.20 20.35 21.68
CA ARG C 93 21.48 20.32 23.12
C ARG C 93 22.49 19.17 23.43
N GLY C 99 14.24 19.12 26.95
CA GLY C 99 14.22 20.56 27.10
C GLY C 99 13.98 21.25 25.73
N PHE C 100 14.22 22.57 25.69
CA PHE C 100 13.92 23.36 24.51
C PHE C 100 15.27 23.95 23.98
N ILE C 101 15.31 24.22 22.67
CA ILE C 101 16.40 25.08 22.06
C ILE C 101 15.81 26.23 21.29
N ARG C 102 16.58 27.31 21.18
CA ARG C 102 16.18 28.43 20.30
C ARG C 102 16.51 28.09 18.83
N VAL C 103 15.54 28.28 17.99
CA VAL C 103 15.75 28.11 16.55
C VAL C 103 15.23 29.28 15.75
N SER C 104 15.77 29.41 14.55
CA SER C 104 15.24 30.33 13.56
C SER C 104 14.67 29.56 12.40
N SER C 105 13.61 30.08 11.79
CA SER C 105 12.97 29.50 10.61
C SER C 105 12.45 30.70 9.74
N GLY C 106 13.37 31.35 9.09
CA GLY C 106 13.06 32.56 8.34
C GLY C 106 12.82 33.77 9.22
N LYS C 107 11.70 34.43 9.01
CA LYS C 107 11.32 35.57 9.85
C LYS C 107 11.01 35.16 11.28
N LYS C 108 10.48 33.96 11.46
CA LYS C 108 10.08 33.43 12.77
C LYS C 108 11.23 32.83 13.54
N ARG C 109 11.25 33.06 14.84
CA ARG C 109 12.24 32.50 15.75
C ARG C 109 11.64 32.19 17.09
N GLY C 110 12.22 31.26 17.83
CA GLY C 110 11.79 31.01 19.21
C GLY C 110 12.20 29.69 19.70
N LEU C 111 11.69 29.35 20.87
CA LEU C 111 11.99 28.10 21.54
C LEU C 111 11.14 26.97 21.00
N VAL C 112 11.73 25.81 20.78
CA VAL C 112 10.96 24.61 20.35
C VAL C 112 11.50 23.41 21.05
N PRO C 113 10.68 22.35 21.17
CA PRO C 113 11.21 21.16 21.88
C PRO C 113 12.18 20.37 21.03
N VAL C 114 13.33 20.05 21.63
CA VAL C 114 14.40 19.27 20.93
C VAL C 114 13.77 17.99 20.45
N ASP C 115 12.93 17.42 21.28
CA ASP C 115 12.18 16.23 20.93
C ASP C 115 11.41 16.34 19.61
N ALA C 116 11.11 17.54 19.09
CA ALA C 116 10.33 17.72 17.82
C ALA C 116 11.06 17.87 16.48
N LEU C 117 12.38 17.79 16.56
CA LEU C 117 13.27 18.05 15.45
C LEU C 117 14.08 16.81 15.08
N THR C 118 14.32 16.63 13.78
CA THR C 118 15.31 15.64 13.32
C THR C 118 16.38 16.39 12.61
N GLU C 119 17.62 16.06 12.91
CA GLU C 119 18.76 16.70 12.28
C GLU C 119 18.85 16.28 10.84
N ILE C 120 19.11 17.22 9.94
CA ILE C 120 19.34 16.89 8.51
C ILE C 120 20.66 17.50 8.05
N ALA D 3 -8.94 -29.65 -4.04
CA ALA D 3 -7.53 -30.05 -4.45
C ALA D 3 -7.54 -31.33 -5.28
N ASN D 4 -8.54 -31.42 -6.17
CA ASN D 4 -8.77 -32.62 -6.89
C ASN D 4 -8.65 -32.48 -8.43
N SER D 5 -7.99 -31.45 -9.00
CA SER D 5 -7.85 -31.29 -10.47
C SER D 5 -6.55 -31.78 -10.99
N TYR D 6 -6.59 -32.53 -12.09
CA TYR D 6 -5.43 -33.08 -12.72
C TYR D 6 -5.49 -32.96 -14.22
N VAL D 7 -4.34 -33.19 -14.86
CA VAL D 7 -4.30 -33.22 -16.29
C VAL D 7 -3.58 -34.53 -16.73
N ALA D 8 -4.07 -35.15 -17.82
CA ALA D 8 -3.36 -36.31 -18.36
C ALA D 8 -2.10 -35.87 -19.12
N LEU D 9 -0.99 -36.52 -18.78
CA LEU D 9 0.27 -36.21 -19.47
C LEU D 9 0.52 -37.13 -20.65
N TYR D 10 -0.03 -38.37 -20.59
CA TYR D 10 0.27 -39.41 -21.55
C TYR D 10 -1.01 -40.11 -21.93
N LYS D 11 -1.01 -40.68 -23.12
CA LYS D 11 -2.18 -41.48 -23.57
C LYS D 11 -2.30 -42.75 -22.81
N PHE D 12 -3.55 -43.11 -22.51
CA PHE D 12 -3.87 -44.39 -21.89
C PHE D 12 -4.98 -44.96 -22.74
N LEU D 13 -4.70 -46.06 -23.44
CA LEU D 13 -5.71 -46.69 -24.27
C LEU D 13 -6.41 -47.72 -23.37
N PRO D 14 -7.71 -47.61 -23.19
CA PRO D 14 -8.44 -48.37 -22.16
C PRO D 14 -8.42 -49.88 -22.47
N GLN D 15 -8.37 -50.68 -21.43
CA GLN D 15 -8.39 -52.13 -21.53
C GLN D 15 -9.72 -52.75 -21.17
N GLU D 16 -10.32 -52.24 -20.11
CA GLU D 16 -11.56 -52.75 -19.54
C GLU D 16 -12.65 -51.68 -19.55
N ASN D 17 -13.89 -52.12 -19.40
CA ASN D 17 -15.03 -51.20 -19.41
C ASN D 17 -15.00 -50.17 -18.28
N ASN D 18 -14.36 -50.51 -17.21
CA ASN D 18 -14.31 -49.48 -16.12
C ASN D 18 -13.00 -48.61 -16.15
N ASP D 19 -12.25 -48.67 -17.25
CA ASP D 19 -11.08 -47.82 -17.46
C ASP D 19 -11.50 -46.44 -18.00
N LEU D 20 -10.75 -45.45 -17.56
CA LEU D 20 -10.91 -44.06 -18.10
C LEU D 20 -9.89 -43.82 -19.17
N ALA D 21 -10.27 -43.90 -20.45
CA ALA D 21 -9.30 -43.58 -21.54
C ALA D 21 -8.69 -42.19 -21.33
N LEU D 22 -7.40 -42.06 -21.52
CA LEU D 22 -6.73 -40.71 -21.38
C LEU D 22 -6.13 -40.31 -22.73
N GLN D 23 -6.26 -39.03 -23.05
CA GLN D 23 -5.51 -38.38 -24.12
C GLN D 23 -4.72 -37.26 -23.44
N PRO D 24 -3.49 -37.03 -23.88
CA PRO D 24 -2.73 -35.94 -23.25
C PRO D 24 -3.54 -34.63 -23.28
N GLY D 25 -3.58 -33.91 -22.15
CA GLY D 25 -4.30 -32.69 -22.10
C GLY D 25 -5.66 -32.78 -21.45
N ASP D 26 -6.14 -34.01 -21.35
CA ASP D 26 -7.44 -34.19 -20.73
C ASP D 26 -7.48 -33.69 -19.25
N ARG D 27 -8.58 -33.04 -18.89
CA ARG D 27 -8.80 -32.46 -17.57
C ARG D 27 -9.58 -33.40 -16.72
N ILE D 28 -8.97 -33.81 -15.62
CA ILE D 28 -9.52 -34.84 -14.74
C ILE D 28 -9.91 -34.27 -13.37
N MET D 29 -11.10 -34.63 -12.94
CA MET D 29 -11.58 -34.43 -11.55
CA MET D 29 -11.56 -34.42 -11.56
C MET D 29 -11.34 -35.73 -10.83
N LEU D 30 -10.44 -35.72 -9.83
CA LEU D 30 -10.07 -36.94 -9.07
C LEU D 30 -11.24 -37.38 -8.19
N VAL D 31 -11.63 -38.65 -8.28
CA VAL D 31 -12.72 -39.31 -7.51
C VAL D 31 -12.22 -40.10 -6.36
N ASP D 32 -11.14 -40.85 -6.55
CA ASP D 32 -10.63 -41.80 -5.55
C ASP D 32 -9.20 -42.05 -5.78
N ASP D 33 -8.35 -41.71 -4.81
CA ASP D 33 -6.90 -41.95 -4.89
C ASP D 33 -6.45 -42.88 -3.76
N SER D 34 -7.34 -43.73 -3.32
CA SER D 34 -6.98 -44.67 -2.23
CA SER D 34 -7.02 -44.69 -2.24
C SER D 34 -5.93 -45.71 -2.63
N ASN D 35 -5.88 -46.04 -3.92
CA ASN D 35 -4.88 -46.96 -4.47
C ASN D 35 -3.75 -46.14 -5.01
N GLU D 36 -2.51 -46.49 -4.71
CA GLU D 36 -1.40 -45.67 -5.13
C GLU D 36 -1.02 -45.82 -6.61
N ASP D 37 -1.45 -46.90 -7.27
CA ASP D 37 -1.11 -47.12 -8.68
C ASP D 37 -2.25 -46.73 -9.61
N TRP D 38 -3.49 -46.95 -9.19
CA TRP D 38 -4.69 -46.74 -10.07
C TRP D 38 -5.63 -45.77 -9.38
N TRP D 39 -5.93 -44.67 -10.06
CA TRP D 39 -6.89 -43.70 -9.51
C TRP D 39 -8.20 -43.76 -10.28
N LYS D 40 -9.28 -43.41 -9.61
CA LYS D 40 -10.56 -43.15 -10.28
C LYS D 40 -10.79 -41.66 -10.47
N GLY D 41 -11.23 -41.31 -11.67
CA GLY D 41 -11.53 -39.91 -11.97
C GLY D 41 -12.52 -39.70 -13.04
N LYS D 42 -12.81 -38.43 -13.30
CA LYS D 42 -13.81 -38.07 -14.26
C LYS D 42 -13.20 -37.09 -15.29
N ILE D 43 -13.54 -37.35 -16.57
CA ILE D 43 -13.21 -36.46 -17.70
C ILE D 43 -14.53 -36.23 -18.38
N GLY D 44 -14.97 -34.96 -18.49
CA GLY D 44 -16.27 -34.69 -19.11
C GLY D 44 -17.38 -35.47 -18.46
N ASP D 45 -18.03 -36.34 -19.25
CA ASP D 45 -19.14 -37.13 -18.75
C ASP D 45 -18.75 -38.55 -18.25
N ARG D 46 -17.49 -38.90 -18.31
CA ARG D 46 -17.02 -40.29 -18.11
C ARG D 46 -16.29 -40.44 -16.85
N VAL D 47 -16.42 -41.60 -16.17
CA VAL D 47 -15.65 -41.90 -14.97
C VAL D 47 -14.96 -43.28 -15.15
N GLY D 48 -13.77 -43.45 -14.63
CA GLY D 48 -13.12 -44.76 -14.62
C GLY D 48 -11.75 -44.69 -14.03
N PHE D 49 -11.07 -45.82 -14.11
CA PHE D 49 -9.75 -45.99 -13.61
C PHE D 49 -8.64 -45.61 -14.59
N PHE D 50 -7.51 -45.11 -14.06
CA PHE D 50 -6.36 -44.73 -14.91
C PHE D 50 -5.09 -44.84 -14.08
N PRO D 51 -3.94 -44.91 -14.74
CA PRO D 51 -2.70 -45.01 -13.95
C PRO D 51 -2.39 -43.66 -13.32
N ALA D 52 -2.20 -43.64 -12.01
CA ALA D 52 -1.90 -42.42 -11.27
C ALA D 52 -0.73 -41.67 -11.84
N ASN D 53 0.33 -42.43 -12.27
CA ASN D 53 1.55 -41.80 -12.79
C ASN D 53 1.43 -41.19 -14.14
N PHE D 54 0.22 -41.28 -14.76
CA PHE D 54 0.01 -40.70 -16.09
C PHE D 54 -0.47 -39.25 -16.01
N VAL D 55 -0.65 -38.70 -14.80
CA VAL D 55 -1.34 -37.41 -14.62
C VAL D 55 -0.55 -36.50 -13.69
N GLN D 56 -0.85 -35.23 -13.84
CA GLN D 56 -0.20 -34.15 -13.08
CA GLN D 56 -0.15 -34.11 -13.15
C GLN D 56 -1.24 -33.27 -12.44
N ARG D 57 -0.95 -32.85 -11.22
CA ARG D 57 -1.81 -31.89 -10.52
CA ARG D 57 -1.84 -31.92 -10.55
C ARG D 57 -1.94 -30.57 -11.24
N VAL D 58 -3.13 -29.97 -11.22
CA VAL D 58 -3.40 -28.60 -11.71
C VAL D 58 -3.97 -27.79 -10.54
N ARG D 59 -3.12 -26.98 -9.93
CA ARG D 59 -3.51 -26.17 -8.77
C ARG D 59 -4.28 -24.94 -9.21
N PRO D 60 -5.06 -24.38 -8.26
CA PRO D 60 -5.85 -23.20 -8.65
C PRO D 60 -4.97 -22.04 -9.18
N GLY D 61 -5.40 -21.38 -10.25
CA GLY D 61 -4.57 -20.34 -10.90
C GLY D 61 -3.46 -20.87 -11.84
N GLU D 62 -3.21 -22.18 -11.89
CA GLU D 62 -2.29 -22.69 -12.93
C GLU D 62 -3.03 -22.93 -14.24
N ASN D 63 -2.33 -22.59 -15.33
CA ASN D 63 -2.78 -22.85 -16.68
C ASN D 63 -2.22 -24.20 -17.10
N VAL D 64 -2.84 -24.83 -18.08
CA VAL D 64 -2.37 -26.04 -18.67
C VAL D 64 -1.98 -25.68 -20.07
N TRP D 65 -0.84 -26.22 -20.54
CA TRP D 65 -0.30 -25.88 -21.78
C TRP D 65 0.06 -27.11 -22.56
N ARG D 66 0.11 -26.94 -23.88
CA ARG D 66 0.62 -27.96 -24.81
C ARG D 66 1.76 -27.33 -25.60
N CYS D 67 2.92 -27.95 -25.61
CA CYS D 67 4.03 -27.41 -26.42
C CYS D 67 3.78 -27.37 -27.91
N CYS D 68 3.79 -26.18 -28.51
CA CYS D 68 3.67 -26.05 -29.96
C CYS D 68 4.97 -25.82 -30.70
N GLN D 69 6.02 -25.39 -30.01
CA GLN D 69 7.38 -25.21 -30.60
C GLN D 69 8.41 -25.84 -29.64
N PRO D 70 9.06 -26.95 -30.07
CA PRO D 70 9.93 -27.62 -29.16
C PRO D 70 11.04 -26.72 -28.66
N PHE D 71 11.50 -27.05 -27.47
CA PHE D 71 12.54 -26.25 -26.76
C PHE D 71 13.53 -27.16 -26.10
N SER D 72 14.83 -26.96 -26.40
CA SER D 72 15.94 -27.69 -25.75
C SER D 72 16.31 -26.99 -24.45
N GLY D 73 16.10 -27.63 -23.32
CA GLY D 73 16.52 -27.10 -22.02
C GLY D 73 17.94 -27.24 -21.70
N ASN D 74 18.27 -26.99 -20.45
CA ASN D 74 19.64 -27.10 -19.99
C ASN D 74 19.59 -27.29 -18.48
N LYS D 75 20.18 -28.38 -18.00
CA LYS D 75 20.08 -28.75 -16.60
C LYS D 75 20.77 -27.76 -15.71
N GLU D 76 21.94 -27.27 -16.10
CA GLU D 76 22.66 -26.34 -15.22
C GLU D 76 21.90 -24.99 -15.07
N GLN D 77 21.13 -24.59 -16.08
CA GLN D 77 20.35 -23.35 -15.97
C GLN D 77 18.98 -23.57 -15.26
N GLY D 78 18.58 -24.81 -15.10
CA GLY D 78 17.24 -25.14 -14.68
C GLY D 78 16.17 -24.86 -15.72
N TYR D 79 16.52 -25.01 -17.00
CA TYR D 79 15.59 -24.77 -18.09
C TYR D 79 15.11 -26.13 -18.53
N MET D 80 13.80 -26.34 -18.48
CA MET D 80 13.24 -27.65 -18.89
C MET D 80 13.06 -27.79 -20.37
N SER D 81 13.39 -28.97 -20.91
CA SER D 81 13.09 -29.23 -22.29
C SER D 81 11.58 -29.47 -22.49
N LEU D 82 11.14 -29.11 -23.69
CA LEU D 82 9.75 -29.39 -24.13
C LEU D 82 9.73 -30.04 -25.47
N LYS D 83 9.11 -31.23 -25.55
CA LYS D 83 8.86 -31.78 -26.92
C LYS D 83 7.55 -31.31 -27.51
N GLU D 84 7.39 -31.37 -28.81
CA GLU D 84 6.10 -30.98 -29.37
C GLU D 84 5.00 -31.85 -28.76
N ASN D 85 3.88 -31.18 -28.41
CA ASN D 85 2.69 -31.80 -27.83
C ASN D 85 2.84 -32.26 -26.37
N GLN D 86 4.01 -32.01 -25.74
CA GLN D 86 4.14 -32.24 -24.34
C GLN D 86 3.24 -31.37 -23.53
N ILE D 87 2.67 -31.94 -22.49
CA ILE D 87 1.80 -31.17 -21.63
C ILE D 87 2.58 -30.69 -20.43
N CYS D 88 2.28 -29.47 -19.99
CA CYS D 88 2.90 -28.93 -18.78
C CYS D 88 1.94 -27.98 -18.08
N VAL D 89 2.26 -27.62 -16.83
CA VAL D 89 1.38 -26.90 -15.97
C VAL D 89 2.11 -25.85 -15.21
N GLY D 90 1.54 -24.66 -15.18
CA GLY D 90 2.12 -23.64 -14.32
C GLY D 90 1.40 -22.32 -14.49
N VAL D 91 1.85 -21.34 -13.72
CA VAL D 91 1.28 -19.97 -13.76
C VAL D 91 1.83 -19.19 -14.92
N GLY D 92 0.96 -18.67 -15.76
CA GLY D 92 1.35 -17.81 -16.85
C GLY D 92 1.54 -16.41 -16.29
N ARG D 93 2.10 -15.51 -17.08
CA ARG D 93 2.12 -14.09 -16.70
C ARG D 93 1.46 -13.22 -17.80
N SER D 94 1.26 -11.91 -17.55
CA SER D 94 0.71 -11.03 -18.63
C SER D 94 1.52 -11.06 -19.94
N LYS D 95 0.91 -10.69 -21.06
CA LYS D 95 1.62 -10.60 -22.35
C LYS D 95 2.74 -9.55 -22.31
N ASP D 96 2.47 -8.44 -21.56
CA ASP D 96 3.42 -7.35 -21.34
C ASP D 96 4.70 -7.80 -20.56
N ALA D 97 4.60 -8.84 -19.72
CA ALA D 97 5.71 -9.28 -18.84
C ALA D 97 6.59 -10.27 -19.61
N ASP D 98 7.91 -10.12 -19.47
CA ASP D 98 8.87 -10.93 -20.26
C ASP D 98 9.70 -11.80 -19.29
N GLY D 99 9.77 -13.10 -19.58
CA GLY D 99 10.65 -14.00 -18.88
C GLY D 99 10.08 -15.40 -18.94
N PHE D 100 10.93 -16.38 -18.69
CA PHE D 100 10.47 -17.77 -18.57
C PHE D 100 9.55 -17.90 -17.38
N ILE D 101 8.69 -18.90 -17.49
CA ILE D 101 7.83 -19.32 -16.39
C ILE D 101 8.24 -20.65 -15.88
N ARG D 102 7.82 -20.90 -14.63
CA ARG D 102 8.05 -22.21 -14.04
C ARG D 102 6.92 -23.18 -14.32
N VAL D 103 7.23 -24.35 -14.86
CA VAL D 103 6.21 -25.35 -15.12
C VAL D 103 6.65 -26.70 -14.58
N SER D 104 5.63 -27.56 -14.43
CA SER D 104 5.83 -28.97 -14.11
CA SER D 104 5.78 -28.98 -14.06
C SER D 104 5.27 -29.83 -15.22
N SER D 105 5.95 -30.93 -15.44
CA SER D 105 5.52 -31.91 -16.47
C SER D 105 5.87 -33.32 -15.95
N GLY D 106 5.00 -33.87 -15.09
CA GLY D 106 5.28 -35.16 -14.43
C GLY D 106 6.37 -35.00 -13.38
N LYS D 107 7.40 -35.78 -13.50
CA LYS D 107 8.52 -35.72 -12.57
C LYS D 107 9.61 -34.77 -13.03
N LYS D 108 9.34 -33.94 -14.02
CA LYS D 108 10.22 -32.87 -14.46
C LYS D 108 9.62 -31.50 -14.17
N ARG D 109 10.49 -30.60 -13.78
CA ARG D 109 10.07 -29.26 -13.52
C ARG D 109 11.15 -28.31 -13.99
N GLY D 110 10.77 -27.09 -14.31
CA GLY D 110 11.77 -26.06 -14.53
C GLY D 110 11.26 -24.87 -15.27
N LEU D 111 12.17 -24.03 -15.74
CA LEU D 111 11.80 -22.78 -16.38
C LEU D 111 11.67 -23.02 -17.88
N VAL D 112 10.68 -22.44 -18.51
CA VAL D 112 10.46 -22.60 -19.97
C VAL D 112 9.97 -21.34 -20.61
N PRO D 113 10.19 -21.18 -21.93
CA PRO D 113 9.62 -20.01 -22.66
C PRO D 113 8.15 -20.15 -22.89
N VAL D 114 7.37 -19.08 -22.56
CA VAL D 114 5.94 -19.20 -22.81
C VAL D 114 5.64 -19.30 -24.27
N ASP D 115 6.52 -18.75 -25.14
CA ASP D 115 6.22 -18.82 -26.56
C ASP D 115 6.28 -20.23 -27.11
N ALA D 116 6.88 -21.17 -26.40
CA ALA D 116 6.88 -22.58 -26.82
C ALA D 116 5.51 -23.27 -26.55
N LEU D 117 4.61 -22.59 -25.83
CA LEU D 117 3.37 -23.17 -25.34
C LEU D 117 2.10 -22.55 -25.91
N THR D 118 1.06 -23.38 -25.98
CA THR D 118 -0.29 -22.94 -26.33
C THR D 118 -1.15 -23.31 -25.17
N GLU D 119 -1.82 -22.32 -24.58
CA GLU D 119 -2.66 -22.56 -23.44
C GLU D 119 -3.81 -23.45 -23.94
N ILE D 120 -4.17 -24.50 -23.15
CA ILE D 120 -5.25 -25.41 -23.59
C ILE D 120 -6.32 -25.43 -22.51
N SER E 5 -1.56 10.66 16.81
CA SER E 5 -1.47 12.15 17.03
C SER E 5 -2.83 12.76 17.41
N TYR E 6 -2.81 13.62 18.41
CA TYR E 6 -4.03 14.22 18.91
C TYR E 6 -3.80 15.73 19.08
N VAL E 7 -4.92 16.42 19.24
CA VAL E 7 -4.89 17.82 19.55
C VAL E 7 -5.78 18.06 20.73
N ALA E 8 -5.32 18.93 21.62
CA ALA E 8 -6.16 19.29 22.71
C ALA E 8 -7.26 20.27 22.31
N LEU E 9 -8.49 19.97 22.71
CA LEU E 9 -9.64 20.80 22.37
C LEU E 9 -9.94 21.89 23.41
N TYR E 10 -9.64 21.58 24.67
CA TYR E 10 -10.12 22.35 25.82
C TYR E 10 -8.97 22.44 26.81
N LYS E 11 -8.94 23.49 27.61
CA LYS E 11 -7.97 23.63 28.69
C LYS E 11 -8.21 22.56 29.74
N PHE E 12 -7.14 22.00 30.30
CA PHE E 12 -7.23 21.09 31.40
C PHE E 12 -6.16 21.49 32.45
N LEU E 13 -6.64 21.91 33.63
CA LEU E 13 -5.72 22.39 34.65
C LEU E 13 -5.28 21.22 35.48
N PRO E 14 -3.95 21.04 35.68
CA PRO E 14 -3.56 19.85 36.41
C PRO E 14 -3.93 19.90 37.88
N GLN E 15 -4.24 18.76 38.45
CA GLN E 15 -4.44 18.61 39.94
C GLN E 15 -3.56 17.58 40.64
N GLU E 16 -3.41 16.43 40.04
CA GLU E 16 -2.56 15.37 40.51
C GLU E 16 -1.20 15.42 39.94
N ASN E 17 -0.25 14.84 40.67
CA ASN E 17 1.17 14.85 40.37
C ASN E 17 1.54 14.39 38.93
N ASN E 18 0.78 13.49 38.38
CA ASN E 18 1.17 13.04 37.00
C ASN E 18 0.18 13.54 35.94
N ASP E 19 -0.60 14.59 36.28
CA ASP E 19 -1.47 15.21 35.28
C ASP E 19 -0.64 15.98 34.27
N LEU E 20 -1.06 15.91 33.00
CA LEU E 20 -0.53 16.77 31.94
C LEU E 20 -1.44 17.96 31.70
N ALA E 21 -0.93 19.16 31.93
CA ALA E 21 -1.73 20.37 31.59
C ALA E 21 -1.98 20.42 30.09
N LEU E 22 -3.23 20.70 29.69
CA LEU E 22 -3.60 20.92 28.33
C LEU E 22 -4.07 22.34 28.09
N GLN E 23 -3.58 22.91 27.00
CA GLN E 23 -4.07 24.17 26.45
C GLN E 23 -4.63 23.90 25.07
N PRO E 24 -5.73 24.55 24.72
CA PRO E 24 -6.29 24.29 23.37
C PRO E 24 -5.32 24.48 22.25
N GLY E 25 -5.26 23.51 21.35
CA GLY E 25 -4.32 23.51 20.26
C GLY E 25 -3.03 22.75 20.48
N ASP E 26 -2.77 22.32 21.74
CA ASP E 26 -1.53 21.59 22.04
C ASP E 26 -1.51 20.27 21.20
N ARG E 27 -0.36 19.96 20.63
CA ARG E 27 -0.21 18.77 19.84
C ARG E 27 0.30 17.65 20.76
N ILE E 28 -0.43 16.56 20.81
CA ILE E 28 -0.20 15.47 21.72
C ILE E 28 0.26 14.25 20.95
N MET E 29 1.34 13.59 21.41
CA MET E 29 1.68 12.19 20.96
C MET E 29 1.18 11.27 22.06
N LEU E 30 0.27 10.35 21.69
CA LEU E 30 -0.27 9.38 22.60
C LEU E 30 0.81 8.43 23.10
N VAL E 31 0.78 8.21 24.40
CA VAL E 31 1.67 7.28 25.02
C VAL E 31 0.92 5.99 25.50
N ASP E 32 -0.30 6.07 25.99
CA ASP E 32 -1.04 4.93 26.58
C ASP E 32 -2.47 5.30 26.66
N ASP E 33 -3.31 4.55 25.94
CA ASP E 33 -4.76 4.70 25.98
C ASP E 33 -5.49 3.48 26.54
N SER E 34 -4.77 2.73 27.36
CA SER E 34 -5.34 1.57 28.06
C SER E 34 -6.42 1.87 29.03
N ASN E 35 -6.50 3.12 29.53
CA ASN E 35 -7.63 3.54 30.33
C ASN E 35 -8.59 4.31 29.45
N GLU E 36 -9.87 4.06 29.60
CA GLU E 36 -10.79 4.67 28.64
C GLU E 36 -11.13 6.12 29.02
N ASP E 37 -10.96 6.52 30.28
CA ASP E 37 -11.25 7.87 30.68
C ASP E 37 -9.99 8.84 30.71
N TRP E 38 -8.82 8.32 31.10
CA TRP E 38 -7.59 9.04 31.19
C TRP E 38 -6.55 8.45 30.30
N TRP E 39 -6.00 9.28 29.40
CA TRP E 39 -4.87 8.85 28.58
C TRP E 39 -3.62 9.51 28.97
N LYS E 40 -2.49 8.83 28.74
CA LYS E 40 -1.21 9.39 28.92
C LYS E 40 -0.66 9.83 27.54
N GLY E 41 0.02 10.97 27.53
CA GLY E 41 0.54 11.56 26.31
C GLY E 41 1.70 12.50 26.57
N LYS E 42 2.28 13.02 25.47
CA LYS E 42 3.38 13.96 25.55
C LYS E 42 3.06 15.22 24.70
N ILE E 43 3.30 16.37 25.29
CA ILE E 43 3.20 17.69 24.64
C ILE E 43 4.52 18.35 24.88
N GLY E 44 5.21 18.80 23.85
CA GLY E 44 6.49 19.48 24.08
C GLY E 44 7.50 18.55 24.75
N ASP E 45 8.05 18.92 25.90
CA ASP E 45 8.87 17.90 26.63
C ASP E 45 8.16 17.45 27.96
N ARG E 46 6.84 17.50 27.99
CA ARG E 46 6.08 17.10 29.14
C ARG E 46 5.28 15.87 28.85
N VAL E 47 5.12 15.02 29.85
CA VAL E 47 4.31 13.82 29.75
C VAL E 47 3.37 13.69 30.95
N GLY E 48 2.18 13.18 30.73
CA GLY E 48 1.28 12.86 31.81
C GLY E 48 -0.14 12.53 31.39
N PHE E 49 -1.06 12.46 32.35
CA PHE E 49 -2.42 12.07 32.14
C PHE E 49 -3.38 13.23 31.90
N PHE E 50 -4.38 12.99 31.07
CA PHE E 50 -5.40 14.00 30.78
C PHE E 50 -6.69 13.32 30.35
N PRO E 51 -7.83 14.04 30.32
CA PRO E 51 -9.10 13.33 30.00
C PRO E 51 -9.18 12.99 28.52
N ALA E 52 -9.51 11.76 28.22
CA ALA E 52 -9.50 11.30 26.81
C ALA E 52 -10.43 12.14 25.97
N ASN E 53 -11.54 12.55 26.54
CA ASN E 53 -12.56 13.24 25.77
C ASN E 53 -12.26 14.77 25.63
N PHE E 54 -11.08 15.21 26.08
CA PHE E 54 -10.66 16.62 25.90
C PHE E 54 -9.81 16.72 24.64
N VAL E 55 -9.62 15.61 23.88
CA VAL E 55 -8.64 15.57 22.80
C VAL E 55 -9.34 15.00 21.59
N GLN E 56 -8.79 15.30 20.46
CA GLN E 56 -9.32 14.80 19.18
C GLN E 56 -8.21 14.31 18.34
N ARG E 57 -8.47 13.21 17.64
CA ARG E 57 -7.46 12.66 16.82
C ARG E 57 -7.16 13.55 15.58
N VAL E 58 -5.91 13.65 15.21
CA VAL E 58 -5.46 14.35 14.05
C VAL E 58 -4.98 13.29 13.10
N ARG E 59 -5.87 12.90 12.18
CA ARG E 59 -5.51 11.82 11.23
C ARG E 59 -4.54 12.26 10.14
N PRO E 60 -3.83 11.29 9.52
CA PRO E 60 -2.95 11.69 8.48
C PRO E 60 -3.70 12.44 7.41
N GLY E 61 -3.13 13.52 6.88
CA GLY E 61 -3.82 14.36 5.99
C GLY E 61 -4.73 15.44 6.52
N GLU E 62 -4.93 15.48 7.85
CA GLU E 62 -5.80 16.55 8.45
C GLU E 62 -4.91 17.64 9.00
N ASN E 63 -5.45 18.85 8.98
CA ASN E 63 -4.82 20.04 9.57
C ASN E 63 -5.68 20.49 10.77
N VAL E 64 -5.06 21.39 11.53
CA VAL E 64 -5.55 21.86 12.81
C VAL E 64 -5.61 23.37 12.74
N TRP E 65 -6.76 23.92 13.13
CA TRP E 65 -6.93 25.34 13.17
C TRP E 65 -7.59 25.77 14.45
N ARG E 66 -7.38 27.02 14.80
CA ARG E 66 -8.04 27.68 15.88
C ARG E 66 -8.95 28.78 15.30
N CYS E 67 -10.16 28.95 15.88
CA CYS E 67 -11.07 29.97 15.44
C CYS E 67 -10.57 31.32 15.90
N CYS E 68 -10.29 32.24 14.96
CA CYS E 68 -9.92 33.60 15.30
C CYS E 68 -11.09 34.57 15.25
N GLN E 69 -12.11 34.27 14.46
CA GLN E 69 -13.28 35.15 14.26
CA GLN E 69 -13.29 35.14 14.36
C GLN E 69 -14.54 34.25 14.46
N PRO E 70 -15.35 34.48 15.51
CA PRO E 70 -16.48 33.59 15.67
C PRO E 70 -17.49 33.58 14.57
N PHE E 71 -18.19 32.44 14.45
CA PHE E 71 -19.05 32.16 13.31
C PHE E 71 -20.27 31.45 13.78
N SER E 72 -21.41 31.98 13.39
CA SER E 72 -22.70 31.34 13.66
CA SER E 72 -22.69 31.34 13.65
C SER E 72 -23.12 30.43 12.50
N GLY E 73 -23.21 29.14 12.81
CA GLY E 73 -23.60 28.08 11.89
C GLY E 73 -25.10 28.02 11.64
N ASN E 74 -25.47 27.00 10.89
CA ASN E 74 -26.91 26.75 10.61
C ASN E 74 -27.06 25.26 10.30
N LYS E 75 -27.83 24.53 11.10
CA LYS E 75 -28.00 23.06 10.91
C LYS E 75 -28.48 22.66 9.52
N GLU E 76 -29.46 23.37 8.95
CA GLU E 76 -29.98 22.95 7.61
C GLU E 76 -29.00 23.18 6.49
N GLN E 77 -28.19 24.26 6.55
CA GLN E 77 -27.17 24.42 5.51
C GLN E 77 -25.99 23.45 5.71
N GLY E 78 -25.90 22.86 6.88
CA GLY E 78 -24.75 22.02 7.23
C GLY E 78 -23.53 22.89 7.67
N TYR E 79 -23.81 24.10 8.15
CA TYR E 79 -22.73 25.06 8.61
C TYR E 79 -22.49 24.92 10.10
N MET E 80 -21.24 24.72 10.51
CA MET E 80 -20.91 24.47 11.92
C MET E 80 -20.56 25.79 12.59
N SER E 81 -21.11 26.02 13.76
CA SER E 81 -20.70 27.16 14.59
C SER E 81 -19.26 27.02 15.12
N LEU E 82 -18.58 28.16 15.19
CA LEU E 82 -17.27 28.25 15.86
C LEU E 82 -17.25 29.42 16.84
N LYS E 83 -16.75 29.14 18.04
CA LYS E 83 -16.49 30.15 19.07
C LYS E 83 -15.05 30.56 18.99
N GLU E 84 -14.75 31.76 19.39
CA GLU E 84 -13.34 32.20 19.36
C GLU E 84 -12.54 31.24 20.22
N ASN E 85 -11.37 30.87 19.72
CA ASN E 85 -10.44 29.89 20.32
C ASN E 85 -10.83 28.43 20.26
N GLN E 86 -11.95 28.13 19.60
CA GLN E 86 -12.33 26.74 19.38
C GLN E 86 -11.37 26.11 18.41
N ILE E 87 -11.05 24.85 18.66
CA ILE E 87 -10.14 24.06 17.81
C ILE E 87 -10.95 23.17 16.85
N CYS E 88 -10.46 23.05 15.63
CA CYS E 88 -11.09 22.17 14.67
C CYS E 88 -10.06 21.54 13.81
N VAL E 89 -10.47 20.47 13.17
CA VAL E 89 -9.55 19.60 12.45
C VAL E 89 -10.17 19.22 11.13
N GLY E 90 -9.38 19.23 10.10
CA GLY E 90 -9.88 18.80 8.81
C GLY E 90 -8.88 18.84 7.74
N VAL E 91 -9.33 18.37 6.56
CA VAL E 91 -8.44 18.45 5.38
C VAL E 91 -8.34 19.88 4.85
N ASP E 98 -12.00 29.18 -3.28
CA ASP E 98 -12.97 29.80 -2.39
C ASP E 98 -14.06 28.84 -2.02
N GLY E 99 -14.60 29.02 -0.81
CA GLY E 99 -15.65 28.16 -0.34
C GLY E 99 -15.39 27.65 1.08
N PHE E 100 -16.47 27.25 1.73
CA PHE E 100 -16.36 26.67 3.09
C PHE E 100 -15.65 25.35 3.03
N ILE E 101 -15.08 24.96 4.15
CA ILE E 101 -14.39 23.67 4.27
C ILE E 101 -15.06 22.85 5.32
N ARG E 102 -14.99 21.51 5.17
CA ARG E 102 -15.51 20.60 6.20
C ARG E 102 -14.51 20.36 7.28
N VAL E 103 -14.92 20.57 8.52
CA VAL E 103 -14.08 20.32 9.69
C VAL E 103 -14.89 19.61 10.73
N SER E 104 -14.25 19.04 11.72
CA SER E 104 -14.90 18.52 12.91
CA SER E 104 -14.90 18.56 12.91
C SER E 104 -14.24 19.14 14.15
N SER E 105 -15.01 19.21 15.19
CA SER E 105 -14.51 19.69 16.49
C SER E 105 -15.25 18.93 17.56
N GLY E 106 -14.58 18.02 18.26
CA GLY E 106 -15.28 17.20 19.27
C GLY E 106 -16.29 16.32 18.52
N LYS E 107 -17.51 16.34 18.99
CA LYS E 107 -18.57 15.59 18.34
C LYS E 107 -19.23 16.32 17.17
N LYS E 108 -18.85 17.56 16.88
CA LYS E 108 -19.54 18.37 15.88
C LYS E 108 -18.77 18.30 14.60
N ARG E 109 -19.47 18.38 13.48
CA ARG E 109 -18.86 18.35 12.15
C ARG E 109 -19.67 19.27 11.26
N GLY E 110 -19.00 19.97 10.35
CA GLY E 110 -19.71 20.81 9.39
C GLY E 110 -18.81 21.76 8.63
N LEU E 111 -19.49 22.57 7.81
CA LEU E 111 -18.78 23.48 6.88
C LEU E 111 -18.50 24.78 7.61
N VAL E 112 -17.31 25.36 7.41
CA VAL E 112 -16.95 26.59 8.09
C VAL E 112 -16.24 27.49 7.13
N PRO E 113 -16.30 28.82 7.36
CA PRO E 113 -15.51 29.73 6.52
C PRO E 113 -14.04 29.69 6.90
N VAL E 114 -13.18 29.67 5.87
CA VAL E 114 -11.77 29.69 6.05
C VAL E 114 -11.23 30.88 6.80
N ASP E 115 -11.83 32.03 6.62
CA ASP E 115 -11.38 33.23 7.27
C ASP E 115 -11.65 33.26 8.74
N ALA E 116 -12.54 32.39 9.21
CA ALA E 116 -12.75 32.29 10.66
C ALA E 116 -11.59 31.57 11.37
N LEU E 117 -10.71 30.96 10.57
CA LEU E 117 -9.69 30.01 11.08
C LEU E 117 -8.27 30.58 10.96
N THR E 118 -7.37 30.17 11.87
CA THR E 118 -5.89 30.39 11.68
C THR E 118 -5.16 29.07 11.92
N ASN F 4 12.21 17.65 -32.18
CA ASN F 4 11.29 16.80 -31.42
C ASN F 4 10.89 17.55 -30.08
N SER F 5 9.63 17.41 -29.78
CA SER F 5 9.07 17.80 -28.51
C SER F 5 9.01 16.58 -27.55
N TYR F 6 9.32 16.83 -26.27
CA TYR F 6 9.28 15.86 -25.27
C TYR F 6 8.62 16.42 -23.99
N VAL F 7 8.22 15.56 -23.11
CA VAL F 7 7.69 15.92 -21.79
C VAL F 7 8.44 15.16 -20.73
N ALA F 8 8.75 15.84 -19.62
CA ALA F 8 9.34 15.12 -18.53
C ALA F 8 8.37 14.29 -17.74
N LEU F 9 8.73 13.01 -17.49
CA LEU F 9 7.89 12.11 -16.72
C LEU F 9 8.23 12.13 -15.24
N TYR F 10 9.52 12.40 -14.91
CA TYR F 10 10.01 12.25 -13.57
C TYR F 10 10.83 13.47 -13.21
N LYS F 11 10.90 13.73 -11.93
CA LYS F 11 11.74 14.78 -11.39
C LYS F 11 13.21 14.43 -11.55
N PHE F 12 14.07 15.40 -11.94
CA PHE F 12 15.48 15.30 -12.00
C PHE F 12 16.03 16.53 -11.26
N LEU F 13 16.75 16.26 -10.16
CA LEU F 13 17.40 17.31 -9.35
C LEU F 13 18.79 17.49 -10.00
N PRO F 14 19.09 18.68 -10.46
CA PRO F 14 20.28 18.86 -11.20
C PRO F 14 21.54 18.63 -10.36
N GLN F 15 22.56 18.11 -11.01
CA GLN F 15 23.89 17.90 -10.38
C GLN F 15 24.89 18.94 -10.73
N GLU F 16 25.03 19.28 -12.01
CA GLU F 16 26.03 20.19 -12.54
C GLU F 16 25.43 21.46 -13.12
N ASN F 17 26.30 22.45 -13.37
CA ASN F 17 25.87 23.73 -13.92
C ASN F 17 25.25 23.56 -15.31
N ASN F 18 25.65 22.55 -16.06
CA ASN F 18 25.02 22.47 -17.41
CA ASN F 18 25.12 22.34 -17.41
C ASN F 18 23.90 21.43 -17.45
N ASP F 19 23.35 21.08 -16.27
CA ASP F 19 22.18 20.19 -16.16
C ASP F 19 20.93 21.00 -16.30
N LEU F 20 19.91 20.34 -16.83
CA LEU F 20 18.53 20.90 -16.91
C LEU F 20 17.61 20.23 -15.90
N ALA F 21 17.32 20.91 -14.79
CA ALA F 21 16.44 20.39 -13.77
C ALA F 21 15.07 20.10 -14.45
N LEU F 22 14.50 18.96 -14.10
CA LEU F 22 13.16 18.52 -14.56
C LEU F 22 12.20 18.39 -13.43
N GLN F 23 10.98 18.86 -13.73
CA GLN F 23 9.81 18.54 -12.95
C GLN F 23 8.80 17.82 -13.89
N PRO F 24 8.07 16.85 -13.35
CA PRO F 24 7.10 16.15 -14.20
C PRO F 24 6.20 17.14 -14.92
N GLY F 25 6.03 16.96 -16.25
CA GLY F 25 5.15 17.81 -17.00
C GLY F 25 5.83 18.91 -17.76
N ASP F 26 7.10 19.14 -17.43
CA ASP F 26 7.81 20.18 -18.21
C ASP F 26 7.91 19.80 -19.70
N ARG F 27 7.73 20.80 -20.55
CA ARG F 27 7.68 20.71 -21.99
C ARG F 27 9.06 21.05 -22.53
N ILE F 28 9.67 20.07 -23.17
CA ILE F 28 11.06 20.13 -23.59
C ILE F 28 11.22 20.17 -25.08
N MET F 29 12.04 21.10 -25.60
CA MET F 29 12.49 20.99 -26.99
CA MET F 29 12.53 21.01 -26.99
C MET F 29 13.86 20.34 -27.00
N LEU F 30 14.02 19.29 -27.77
CA LEU F 30 15.26 18.59 -27.83
C LEU F 30 16.28 19.35 -28.62
N VAL F 31 17.49 19.39 -28.08
CA VAL F 31 18.64 20.04 -28.73
C VAL F 31 19.75 19.11 -29.24
N ASP F 32 20.08 18.10 -28.46
CA ASP F 32 21.16 17.15 -28.83
C ASP F 32 20.85 15.78 -28.20
N ASP F 33 20.72 14.76 -29.03
CA ASP F 33 20.48 13.38 -28.54
C ASP F 33 21.64 12.47 -29.00
N SER F 34 22.80 13.06 -29.16
CA SER F 34 23.94 12.29 -29.65
C SER F 34 24.45 11.28 -28.60
N ASN F 35 24.24 11.54 -27.32
CA ASN F 35 24.57 10.61 -26.26
C ASN F 35 23.31 9.83 -25.89
N GLU F 36 23.46 8.53 -25.66
CA GLU F 36 22.29 7.68 -25.40
C GLU F 36 21.63 7.88 -23.99
N ASP F 37 22.44 8.26 -23.01
CA ASP F 37 22.05 8.44 -21.61
C ASP F 37 21.61 9.86 -21.31
N TRP F 38 22.31 10.86 -21.86
CA TRP F 38 22.19 12.26 -21.47
C TRP F 38 21.80 13.05 -22.72
N TRP F 39 20.62 13.63 -22.75
CA TRP F 39 20.21 14.51 -23.83
C TRP F 39 20.29 15.95 -23.41
N LYS F 40 20.48 16.87 -24.37
CA LYS F 40 20.40 18.30 -24.11
C LYS F 40 19.05 18.77 -24.64
N GLY F 41 18.36 19.61 -23.86
CA GLY F 41 17.14 20.19 -24.31
C GLY F 41 16.89 21.54 -23.66
N LYS F 42 15.78 22.13 -24.10
CA LYS F 42 15.32 23.41 -23.60
C LYS F 42 13.95 23.40 -22.97
N ILE F 43 13.84 24.00 -21.78
CA ILE F 43 12.59 24.22 -21.11
C ILE F 43 12.50 25.69 -20.85
N GLY F 44 11.43 26.32 -21.26
CA GLY F 44 11.29 27.81 -21.05
C GLY F 44 12.48 28.58 -21.56
N ASP F 45 13.26 29.22 -20.64
CA ASP F 45 14.41 30.03 -20.97
C ASP F 45 15.75 29.26 -20.75
N ARG F 46 15.70 27.99 -20.36
CA ARG F 46 16.88 27.27 -19.90
C ARG F 46 17.19 26.11 -20.80
N VAL F 47 18.50 25.86 -20.92
CA VAL F 47 19.02 24.75 -21.72
C VAL F 47 19.97 23.91 -20.87
N GLY F 48 19.93 22.61 -21.03
CA GLY F 48 20.92 21.76 -20.36
C GLY F 48 20.71 20.29 -20.56
N PHE F 49 21.54 19.53 -19.84
CA PHE F 49 21.52 18.09 -19.93
C PHE F 49 20.52 17.42 -18.97
N PHE F 50 19.92 16.30 -19.38
CA PHE F 50 19.03 15.54 -18.50
C PHE F 50 19.00 14.08 -18.92
N PRO F 51 18.53 13.19 -18.06
CA PRO F 51 18.53 11.80 -18.47
C PRO F 51 17.46 11.51 -19.57
N ALA F 52 17.92 10.88 -20.63
CA ALA F 52 17.07 10.54 -21.76
C ALA F 52 15.85 9.74 -21.36
N ASN F 53 16.03 8.81 -20.43
CA ASN F 53 14.94 7.90 -19.97
C ASN F 53 13.90 8.58 -19.04
N PHE F 54 14.10 9.88 -18.69
CA PHE F 54 13.20 10.52 -17.78
C PHE F 54 12.10 11.23 -18.59
N VAL F 55 12.18 11.19 -19.92
CA VAL F 55 11.26 12.01 -20.77
C VAL F 55 10.51 11.08 -21.73
N GLN F 56 9.42 11.60 -22.25
CA GLN F 56 8.71 10.88 -23.28
C GLN F 56 8.51 11.80 -24.46
N ARG F 57 8.49 11.20 -25.63
CA ARG F 57 8.25 11.92 -26.88
C ARG F 57 6.79 12.41 -26.99
N VAL F 58 6.58 13.62 -27.49
CA VAL F 58 5.23 14.18 -27.76
C VAL F 58 5.16 14.38 -29.26
N ARG F 59 4.52 13.43 -29.94
CA ARG F 59 4.45 13.55 -31.40
C ARG F 59 3.38 14.57 -31.84
N PRO F 60 3.53 15.12 -33.09
CA PRO F 60 2.49 16.10 -33.48
C PRO F 60 1.10 15.44 -33.44
N GLY F 61 0.14 16.19 -32.93
CA GLY F 61 -1.23 15.76 -32.80
C GLY F 61 -1.45 15.03 -31.51
N GLU F 62 -0.41 14.83 -30.70
CA GLU F 62 -0.63 14.23 -29.34
C GLU F 62 -0.76 15.34 -28.35
N ASN F 63 -1.67 15.13 -27.41
CA ASN F 63 -1.82 15.99 -26.27
C ASN F 63 -1.00 15.43 -25.08
N VAL F 64 -0.69 16.30 -24.15
CA VAL F 64 0.02 15.98 -22.90
C VAL F 64 -0.88 16.25 -21.74
N TRP F 65 -1.00 15.32 -20.78
N TRP F 65 -0.83 15.37 -20.74
CA TRP F 65 -1.85 15.55 -19.63
CA TRP F 65 -1.79 15.33 -19.70
C TRP F 65 -1.15 15.12 -18.35
C TRP F 65 -1.09 15.13 -18.34
N ARG F 66 -1.67 15.66 -17.27
CA ARG F 66 -1.32 15.32 -15.90
C ARG F 66 -2.53 14.78 -15.21
N CYS F 67 -2.39 13.66 -14.51
CA CYS F 67 -3.51 13.09 -13.75
C CYS F 67 -3.91 13.94 -12.58
N CYS F 68 -5.14 14.45 -12.64
CA CYS F 68 -5.70 15.19 -11.50
C CYS F 68 -6.52 14.37 -10.52
N GLN F 69 -7.12 13.30 -10.96
CA GLN F 69 -7.98 12.41 -10.11
C GLN F 69 -7.48 10.99 -10.38
N PRO F 70 -6.93 10.33 -9.37
CA PRO F 70 -6.36 9.03 -9.62
C PRO F 70 -7.38 8.04 -10.14
N PHE F 71 -6.90 7.03 -10.84
CA PHE F 71 -7.78 6.06 -11.51
C PHE F 71 -7.11 4.71 -11.42
N SER F 72 -7.87 3.73 -10.97
CA SER F 72 -7.36 2.32 -10.92
C SER F 72 -7.72 1.62 -12.20
N GLY F 73 -6.71 1.08 -12.85
CA GLY F 73 -6.97 0.41 -14.10
C GLY F 73 -7.35 -1.04 -13.88
N ASN F 74 -7.24 -1.80 -14.96
CA ASN F 74 -7.60 -3.22 -14.97
C ASN F 74 -6.91 -3.79 -16.20
N LYS F 75 -5.94 -4.70 -15.96
CA LYS F 75 -5.10 -5.22 -17.00
C LYS F 75 -5.88 -6.00 -18.06
N GLU F 76 -6.87 -6.77 -17.62
CA GLU F 76 -7.69 -7.57 -18.51
C GLU F 76 -8.52 -6.71 -19.48
N GLN F 77 -8.99 -5.57 -19.02
CA GLN F 77 -9.78 -4.66 -19.87
C GLN F 77 -8.86 -3.77 -20.73
N GLY F 78 -7.60 -3.75 -20.42
CA GLY F 78 -6.67 -2.82 -21.05
C GLY F 78 -6.79 -1.37 -20.59
N TYR F 79 -7.20 -1.22 -19.33
CA TYR F 79 -7.35 0.09 -18.69
C TYR F 79 -6.13 0.37 -17.85
N MET F 80 -5.47 1.48 -18.11
CA MET F 80 -4.22 1.84 -17.46
C MET F 80 -4.47 2.65 -16.17
N SER F 81 -3.80 2.26 -15.09
CA SER F 81 -3.88 3.06 -13.85
C SER F 81 -3.20 4.41 -13.99
N LEU F 82 -3.66 5.35 -13.21
CA LEU F 82 -3.06 6.68 -13.17
C LEU F 82 -2.98 7.11 -11.77
N LYS F 83 -1.79 7.57 -11.36
CA LYS F 83 -1.62 8.17 -10.04
C LYS F 83 -1.73 9.68 -10.18
N GLU F 84 -2.11 10.35 -9.13
CA GLU F 84 -2.17 11.77 -9.12
C GLU F 84 -0.80 12.29 -9.49
N ASN F 85 -0.80 13.26 -10.41
CA ASN F 85 0.33 13.94 -10.96
C ASN F 85 1.17 13.13 -11.97
N GLN F 86 0.70 11.91 -12.29
CA GLN F 86 1.34 11.14 -13.31
C GLN F 86 1.15 11.82 -14.67
N ILE F 87 2.21 11.79 -15.48
CA ILE F 87 2.16 12.38 -16.84
C ILE F 87 1.87 11.33 -17.86
N CYS F 88 1.01 11.67 -18.82
CA CYS F 88 0.75 10.78 -19.94
C CYS F 88 0.55 11.54 -21.23
N VAL F 89 0.66 10.80 -22.35
CA VAL F 89 0.64 11.46 -23.66
C VAL F 89 -0.27 10.62 -24.53
N GLY F 90 -1.14 11.30 -25.30
CA GLY F 90 -1.91 10.56 -26.35
C GLY F 90 -2.82 11.54 -27.04
N VAL F 91 -3.54 11.04 -28.04
CA VAL F 91 -4.48 11.91 -28.74
C VAL F 91 -5.76 12.06 -28.00
N GLY F 92 -6.17 13.32 -27.85
CA GLY F 92 -7.39 13.70 -27.12
C GLY F 92 -8.61 13.20 -27.86
N ARG F 93 -9.77 13.23 -27.20
CA ARG F 93 -10.97 12.87 -27.99
C ARG F 93 -11.67 14.15 -28.52
N GLY F 99 -15.46 7.65 -25.76
CA GLY F 99 -15.16 7.08 -24.37
C GLY F 99 -13.72 7.25 -23.86
N PHE F 100 -13.02 6.20 -23.34
CA PHE F 100 -11.61 6.35 -22.89
C PHE F 100 -10.66 6.66 -24.05
N ILE F 101 -9.54 7.28 -23.70
CA ILE F 101 -8.51 7.56 -24.70
C ILE F 101 -7.35 6.67 -24.42
N ARG F 102 -6.57 6.42 -25.43
CA ARG F 102 -5.39 5.63 -25.27
C ARG F 102 -4.25 6.58 -25.01
N VAL F 103 -3.47 6.30 -23.97
CA VAL F 103 -2.28 7.08 -23.62
C VAL F 103 -1.10 6.16 -23.31
N SER F 104 0.09 6.76 -23.26
CA SER F 104 1.19 6.09 -22.75
C SER F 104 1.86 6.98 -21.71
N SER F 105 2.61 6.31 -20.84
CA SER F 105 3.27 6.97 -19.72
C SER F 105 4.55 6.15 -19.53
N GLY F 106 5.62 6.56 -20.21
CA GLY F 106 6.87 5.78 -20.13
C GLY F 106 6.62 4.49 -20.87
N LYS F 107 6.87 3.38 -20.21
CA LYS F 107 6.66 2.06 -20.77
C LYS F 107 5.26 1.53 -20.63
N LYS F 108 4.39 2.17 -19.89
CA LYS F 108 3.04 1.70 -19.64
C LYS F 108 2.13 2.32 -20.73
N ARG F 109 1.14 1.57 -21.18
CA ARG F 109 0.21 2.05 -22.22
C ARG F 109 -1.21 1.52 -21.92
N GLY F 110 -2.27 2.27 -22.21
CA GLY F 110 -3.60 1.71 -22.14
C GLY F 110 -4.62 2.79 -22.22
N LEU F 111 -5.83 2.40 -21.92
CA LEU F 111 -7.00 3.24 -21.99
C LEU F 111 -7.31 3.90 -20.66
N VAL F 112 -7.65 5.19 -20.68
CA VAL F 112 -7.95 5.95 -19.47
C VAL F 112 -9.10 6.91 -19.66
N PRO F 113 -9.76 7.28 -18.57
CA PRO F 113 -10.81 8.29 -18.61
C PRO F 113 -10.22 9.68 -18.78
N VAL F 114 -10.72 10.46 -19.75
CA VAL F 114 -10.28 11.85 -19.84
C VAL F 114 -10.55 12.70 -18.65
N ASP F 115 -11.61 12.40 -17.87
CA ASP F 115 -11.91 13.18 -16.67
C ASP F 115 -10.89 13.02 -15.55
N ALA F 116 -10.05 11.99 -15.65
CA ALA F 116 -8.93 11.84 -14.71
C ALA F 116 -7.77 12.81 -15.02
N LEU F 117 -7.84 13.51 -16.16
CA LEU F 117 -6.68 14.24 -16.72
C LEU F 117 -6.91 15.71 -16.87
N THR F 118 -5.83 16.48 -16.72
CA THR F 118 -5.87 17.90 -17.03
C THR F 118 -4.85 18.11 -18.08
N GLU F 119 -5.25 18.73 -19.22
CA GLU F 119 -4.32 18.90 -20.33
C GLU F 119 -3.23 19.91 -19.94
N ILE F 120 -2.02 19.57 -20.31
CA ILE F 120 -0.83 20.40 -20.13
C ILE F 120 -0.04 20.56 -21.42
N GLU G 3 0.41 -32.22 19.99
CA GLU G 3 1.57 -31.33 19.70
C GLU G 3 2.86 -32.14 19.46
N PRO G 4 3.36 -32.17 18.22
CA PRO G 4 4.52 -32.98 17.86
C PRO G 4 5.76 -32.53 18.62
N GLU G 5 6.68 -33.46 18.80
CA GLU G 5 8.01 -33.07 19.27
C GLU G 5 8.75 -32.11 18.29
N ILE G 6 9.41 -31.09 18.84
CA ILE G 6 10.32 -30.22 18.05
C ILE G 6 11.45 -31.14 17.60
N PRO G 7 11.84 -31.02 16.35
CA PRO G 7 12.79 -32.00 15.84
C PRO G 7 14.13 -31.98 16.60
N LEU G 8 14.64 -33.22 16.77
CA LEU G 8 15.95 -33.43 17.43
C LEU G 8 17.06 -33.19 16.49
N SER G 9 16.74 -33.26 15.19
CA SER G 9 17.66 -32.95 14.17
C SER G 9 18.13 -31.53 14.13
N PRO G 10 19.37 -31.31 13.66
CA PRO G 10 19.90 -29.94 13.65
C PRO G 10 19.21 -28.93 12.76
N ARG G 11 19.22 -27.67 13.16
CA ARG G 11 18.67 -26.63 12.33
C ARG G 11 19.61 -26.50 11.16
N PRO G 12 19.14 -26.02 9.99
CA PRO G 12 19.94 -25.80 8.77
C PRO G 12 21.01 -24.75 8.92
N PRO H 4 -20.06 -5.76 4.14
CA PRO H 4 -21.43 -5.43 4.52
C PRO H 4 -22.43 -5.74 3.44
N GLU H 5 -23.68 -5.75 3.85
CA GLU H 5 -24.75 -6.01 2.95
C GLU H 5 -25.09 -4.77 2.14
N ILE H 6 -25.51 -5.03 0.93
CA ILE H 6 -26.03 -3.96 0.07
C ILE H 6 -27.35 -3.45 0.70
N PRO H 7 -27.54 -2.15 0.76
CA PRO H 7 -28.75 -1.61 1.42
C PRO H 7 -29.99 -2.02 0.66
N LEU H 8 -31.09 -2.20 1.36
CA LEU H 8 -32.31 -2.58 0.68
C LEU H 8 -33.07 -1.38 0.17
N SER H 9 -32.81 -0.18 0.69
CA SER H 9 -33.58 1.01 0.32
C SER H 9 -33.42 1.39 -1.14
N PRO H 10 -34.46 2.01 -1.72
CA PRO H 10 -34.35 2.55 -3.04
C PRO H 10 -33.42 3.76 -3.02
N ARG H 11 -33.09 4.25 -4.22
CA ARG H 11 -32.17 5.37 -4.29
C ARG H 11 -32.80 6.65 -3.84
N PRO H 12 -32.00 7.51 -3.23
CA PRO H 12 -32.54 8.82 -2.81
C PRO H 12 -32.87 9.70 -3.94
N ARG H 13 -33.80 10.61 -3.72
CA ARG H 13 -34.22 11.53 -4.78
C ARG H 13 -34.35 12.89 -4.08
N PRO H 14 -33.20 13.52 -3.75
CA PRO H 14 -33.28 14.86 -3.18
C PRO H 14 -33.87 15.83 -4.24
N GLU I 3 4.79 32.38 2.97
CA GLU I 3 6.06 32.14 2.18
C GLU I 3 6.33 33.39 1.32
N PRO I 4 7.57 33.91 1.31
CA PRO I 4 7.86 35.04 0.39
C PRO I 4 7.68 34.66 -1.06
N GLU I 5 7.37 35.65 -1.91
CA GLU I 5 7.20 35.49 -3.34
C GLU I 5 8.52 35.63 -4.09
N ILE I 6 8.55 35.07 -5.26
CA ILE I 6 9.71 35.12 -6.12
C ILE I 6 9.79 36.54 -6.67
N PRO I 7 10.99 37.14 -6.66
CA PRO I 7 11.11 38.50 -7.16
C PRO I 7 10.76 38.66 -8.60
N LEU I 8 10.29 39.86 -8.96
CA LEU I 8 9.92 40.10 -10.33
C LEU I 8 11.17 40.59 -11.13
N SER I 9 12.23 41.03 -10.46
CA SER I 9 13.33 41.70 -11.14
C SER I 9 14.18 40.72 -11.93
N PRO I 10 14.86 41.22 -12.98
CA PRO I 10 15.76 40.39 -13.73
C PRO I 10 17.03 40.16 -12.91
N ARG I 11 17.89 39.28 -13.37
CA ARG I 11 19.10 39.00 -12.57
C ARG I 11 20.06 40.20 -12.67
N PRO I 12 20.79 40.46 -11.61
CA PRO I 12 21.89 41.41 -11.60
C PRO I 12 22.96 41.10 -12.59
N ARG I 13 23.58 42.17 -13.10
CA ARG I 13 24.69 42.11 -14.04
C ARG I 13 25.86 42.95 -13.49
N GLU J 3 9.14 -42.50 -20.03
CA GLU J 3 7.68 -42.30 -19.79
C GLU J 3 7.21 -43.44 -18.87
N PRO J 4 6.22 -43.16 -17.97
CA PRO J 4 5.64 -44.23 -17.13
C PRO J 4 4.96 -45.28 -17.97
N GLU J 5 4.81 -46.48 -17.41
CA GLU J 5 4.11 -47.57 -18.03
C GLU J 5 2.94 -47.94 -17.12
N ILE J 6 1.96 -48.60 -17.70
CA ILE J 6 0.79 -49.02 -17.01
C ILE J 6 1.20 -50.00 -15.88
N PRO J 7 0.68 -49.81 -14.65
CA PRO J 7 1.09 -50.69 -13.54
C PRO J 7 0.77 -52.14 -13.79
N LEU J 8 1.57 -52.96 -13.12
CA LEU J 8 1.33 -54.40 -13.19
C LEU J 8 0.32 -54.82 -12.17
N SER J 9 0.08 -54.00 -11.16
CA SER J 9 -0.82 -54.38 -10.10
C SER J 9 -2.26 -54.27 -10.60
N PRO J 10 -3.17 -54.93 -9.90
CA PRO J 10 -4.57 -54.97 -10.37
C PRO J 10 -5.30 -53.65 -10.06
N ARG J 11 -6.37 -53.37 -10.81
CA ARG J 11 -7.22 -52.26 -10.51
C ARG J 11 -7.88 -52.49 -9.15
N PRO J 12 -8.38 -51.44 -8.49
CA PRO J 12 -9.12 -51.59 -7.21
C PRO J 12 -10.44 -52.37 -7.35
N GLU K 3 -18.17 22.05 26.71
CA GLU K 3 -17.01 21.36 27.37
C GLU K 3 -17.49 20.03 28.03
N PRO K 4 -16.85 18.88 27.72
CA PRO K 4 -17.19 17.67 28.48
C PRO K 4 -16.74 17.76 29.94
N GLU K 5 -17.32 16.91 30.77
CA GLU K 5 -17.01 16.95 32.19
C GLU K 5 -15.75 16.17 32.39
N ILE K 6 -14.99 16.58 33.39
CA ILE K 6 -13.74 15.87 33.74
C ILE K 6 -14.20 14.57 34.36
N PRO K 7 -13.62 13.43 33.98
CA PRO K 7 -14.03 12.15 34.54
C PRO K 7 -13.97 12.13 36.07
N LEU K 8 -14.96 11.44 36.68
CA LEU K 8 -14.95 11.23 38.08
C LEU K 8 -14.12 10.00 38.46
N SER K 9 -13.77 9.15 37.50
CA SER K 9 -13.05 7.91 37.76
C SER K 9 -11.62 8.26 38.10
N PRO K 10 -10.93 7.38 38.82
CA PRO K 10 -9.54 7.77 39.25
C PRO K 10 -8.57 7.81 38.10
N ARG K 11 -7.53 8.66 38.20
CA ARG K 11 -6.41 8.57 37.25
C ARG K 11 -5.76 7.13 37.35
N PRO K 12 -5.14 6.64 36.27
CA PRO K 12 -4.50 5.32 36.29
C PRO K 12 -3.39 5.17 37.33
N PRO L 4 12.73 5.27 -12.82
CA PRO L 4 14.04 4.94 -13.39
C PRO L 4 15.21 5.61 -12.72
N GLU L 5 16.35 4.97 -12.86
CA GLU L 5 17.60 5.38 -12.27
C GLU L 5 18.25 6.50 -13.08
N ILE L 6 18.96 7.35 -12.40
CA ILE L 6 19.79 8.30 -13.05
C ILE L 6 20.95 7.55 -13.66
N PRO L 7 21.34 7.92 -14.89
CA PRO L 7 22.33 7.10 -15.62
C PRO L 7 23.61 6.99 -14.88
N LEU L 8 24.27 5.86 -15.08
CA LEU L 8 25.58 5.60 -14.44
C LEU L 8 26.84 6.12 -15.18
N SER L 9 26.70 6.98 -16.16
CA SER L 9 27.82 7.67 -16.82
C SER L 9 27.94 9.16 -16.37
N PRO L 10 29.12 9.81 -16.66
CA PRO L 10 29.22 11.27 -16.45
C PRO L 10 28.63 11.97 -17.69
N ARG L 11 28.50 13.30 -17.67
CA ARG L 11 27.96 14.01 -18.84
C ARG L 11 28.90 13.76 -20.07
N PRO L 12 28.38 13.90 -21.29
CA PRO L 12 29.29 13.81 -22.46
C PRO L 12 30.44 14.78 -22.40
#